data_9RKN
#
_entry.id   9RKN
#
_cell.length_a   72.303
_cell.length_b   122.138
_cell.length_c   80.328
_cell.angle_alpha   90.000
_cell.angle_beta   114.131
_cell.angle_gamma   90.000
#
_symmetry.space_group_name_H-M   'P 1 21 1'
#
loop_
_entity.id
_entity.type
_entity.pdbx_description
1 polymer Elongin-B
2 polymer Elongin-C
3 polymer 'von Hippel-Lindau disease tumor suppressor'
4 polymer 'Isoform 2B of GTPase KRas'
5 non-polymer 'SULFATE ION'
6 non-polymer (2~{S},4~{R})-1-[(2~{S})-2-[(5~{S})-5-[3-[(3~{S})-4-[4-[5-[(4~{S})-2-azanyl-3-cyano-4-methyl-6,7-dihydro-5~{H}-1-benzothiophen-4-yl]-1,2,4-oxadiazol-3-yl]pyrimidin-2-yl]-3-methyl-1,4-diazepan-1-yl]propyl]-4,5,6,7-tetrahydrobenzotriazol-1-yl]-3-methyl-butanoyl]-~{N}-[(1-methylindazol-6-yl)methyl]-4-oxidanyl-pyrrolidine-2-carboxamide
7 non-polymer 'PHOSPHOMETHYLPHOSPHONIC ACID GUANYLATE ESTER'
8 non-polymer 'MAGNESIUM ION'
9 water water
#
loop_
_entity_poly.entity_id
_entity_poly.type
_entity_poly.pdbx_seq_one_letter_code
_entity_poly.pdbx_strand_id
1 'polypeptide(L)'
;MDVFLMIRRHKTTIFTDAKESSTVFELKRIVEGILKRPPDEQRLYKDDQLLDDGKTLGECGFTSQTARPQAPATVGLAFR
ADDTFEALCIEPFSSPPELPDVMK
;
A,E
2 'polypeptide(L)'
;MMYVKLISSDGHEFIVKREHALTSGTIKAMLSGPGQFAENETNEVNFREIPSHVLSKVCMYFTYKVRYTNSSTEIPEFPI
APEIALELLMAANFLDC
;
B,F
3 'polypeptide(L)'
;GSMEAGRPRPVLRSVNSREPSQVIFCNRSPRVVLPVWLNFDGEPQPYPTLPPGTGRRIHSYRGHLWLFRDAGTHDGLLVN
QTELFVPSLNVDGQPIFANITLPVYTLKERCLQVVRSLVKPENYRRLDIVRSLYEDLEDHPNVQKDLERLTQERIAHQRM
GD
;
C,G
4 'polypeptide(L)'
;GMTEYKLVVVGARGVGKSALTIQLIQNHFVDEYDPTIEDSYRKQVVIDGETCLLDILDTAGQEEYSAMRDQYMRTGEGFL
CVFAINNTKSFEDIHHYREQIKRVKDSEDVPMVLVGNKCDLPSRTVDTKQAQDLARSYGIPFIETSAKTRQGVDDAFYTL
VREIRKHKEK
;
D,H
#
loop_
_chem_comp.id
_chem_comp.type
_chem_comp.name
_chem_comp.formula
A1JHI non-polymer (2~{S},4~{R})-1-[(2~{S})-2-[(5~{S})-5-[3-[(3~{S})-4-[4-[5-[(4~{S})-2-azanyl-3-cyano-4-methyl-6,7-dihydro-5~{H}-1-benzothiophen-4-yl]-1,2,4-oxadiazol-3-yl]pyrimidin-2-yl]-3-methyl-1,4-diazepan-1-yl]propyl]-4,5,6,7-tetrahydrobenzotriazol-1-yl]-3-methyl-butanoyl]-~{N}-[(1-methylindazol-6-yl)methyl]-4-oxidanyl-pyrrolidine-2-carboxamide 'C50 H63 N15 O4 S'
GCP non-polymer 'PHOSPHOMETHYLPHOSPHONIC ACID GUANYLATE ESTER' 'C11 H18 N5 O13 P3'
MG non-polymer 'MAGNESIUM ION' 'Mg 2'
SO4 non-polymer 'SULFATE ION' 'O4 S -2'
#
# COMPACT_ATOMS: atom_id res chain seq x y z
N MET A 1 14.46 3.19 -10.50
CA MET A 1 14.29 1.74 -10.45
C MET A 1 15.64 1.04 -10.66
N ASP A 2 16.18 0.48 -9.58
CA ASP A 2 17.46 -0.20 -9.61
C ASP A 2 17.27 -1.70 -9.74
N VAL A 3 18.26 -2.35 -10.35
CA VAL A 3 18.28 -3.79 -10.53
C VAL A 3 19.48 -4.32 -9.77
N PHE A 4 19.25 -5.32 -8.90
CA PHE A 4 20.29 -5.87 -8.04
C PHE A 4 20.70 -7.24 -8.55
N LEU A 5 22.01 -7.44 -8.73
CA LEU A 5 22.54 -8.60 -9.43
C LEU A 5 23.77 -9.15 -8.72
N MET A 6 24.19 -10.34 -9.16
CA MET A 6 25.42 -11.01 -8.72
C MET A 6 26.26 -11.36 -9.94
N ILE A 7 27.43 -10.73 -10.06
CA ILE A 7 28.37 -11.03 -11.14
C ILE A 7 29.28 -12.14 -10.65
N ARG A 8 29.15 -13.35 -11.20
CA ARG A 8 29.86 -14.51 -10.70
C ARG A 8 30.79 -15.10 -11.76
N ARG A 9 32.01 -15.40 -11.36
CA ARG A 9 32.99 -16.10 -12.18
C ARG A 9 33.89 -16.93 -11.29
N HIS A 10 34.02 -18.22 -11.60
CA HIS A 10 34.84 -19.17 -10.83
C HIS A 10 34.38 -19.14 -9.39
N LYS A 11 35.22 -18.78 -8.42
CA LYS A 11 34.83 -18.66 -7.02
C LYS A 11 34.74 -17.21 -6.58
N THR A 12 34.50 -16.30 -7.52
CA THR A 12 34.32 -14.89 -7.23
C THR A 12 32.87 -14.49 -7.47
N THR A 13 32.42 -13.50 -6.71
CA THR A 13 31.04 -13.03 -6.80
C THR A 13 31.01 -11.56 -6.40
N ILE A 14 30.47 -10.72 -7.28
CA ILE A 14 30.40 -9.28 -7.04
C ILE A 14 28.94 -8.92 -6.79
N PHE A 15 28.69 -8.26 -5.66
CA PHE A 15 27.36 -7.78 -5.29
C PHE A 15 27.29 -6.29 -5.58
N THR A 16 26.67 -5.93 -6.69
CA THR A 16 26.51 -4.53 -7.07
C THR A 16 25.10 -4.31 -7.62
N ASP A 17 24.77 -3.05 -7.85
CA ASP A 17 23.47 -2.65 -8.35
C ASP A 17 23.62 -1.78 -9.59
N ALA A 18 22.54 -1.67 -10.35
CA ALA A 18 22.54 -0.86 -11.56
C ALA A 18 21.09 -0.56 -11.94
N LYS A 19 20.90 0.60 -12.57
CA LYS A 19 19.57 0.97 -13.03
C LYS A 19 19.17 0.11 -14.22
N GLU A 20 17.86 -0.08 -14.39
CA GLU A 20 17.37 -0.94 -15.47
C GLU A 20 17.64 -0.35 -16.85
N SER A 21 17.84 0.95 -16.95
CA SER A 21 18.14 1.59 -18.23
C SER A 21 19.63 1.67 -18.55
N SER A 22 20.49 1.20 -17.64
CA SER A 22 21.92 1.22 -17.88
C SER A 22 22.32 0.10 -18.84
N THR A 23 23.44 0.32 -19.54
CA THR A 23 23.90 -0.59 -20.59
C THR A 23 24.72 -1.74 -20.01
N VAL A 24 24.69 -2.87 -20.74
CA VAL A 24 25.58 -3.99 -20.41
C VAL A 24 27.04 -3.55 -20.45
N PHE A 25 27.40 -2.74 -21.43
CA PHE A 25 28.77 -2.24 -21.51
C PHE A 25 29.10 -1.35 -20.31
N GLU A 26 28.12 -0.55 -19.86
CA GLU A 26 28.31 0.25 -18.66
C GLU A 26 28.62 -0.63 -17.46
N LEU A 27 27.95 -1.79 -17.37
CA LEU A 27 28.24 -2.74 -16.31
C LEU A 27 29.63 -3.32 -16.45
N LYS A 28 30.11 -3.50 -17.69
CA LYS A 28 31.46 -3.99 -17.91
C LYS A 28 32.50 -2.99 -17.41
N ARG A 29 32.15 -1.70 -17.38
CA ARG A 29 33.03 -0.71 -16.79
C ARG A 29 33.06 -0.84 -15.27
N ILE A 30 31.96 -1.28 -14.66
CA ILE A 30 31.94 -1.50 -13.22
C ILE A 30 32.76 -2.74 -12.86
N VAL A 31 32.60 -3.81 -13.65
CA VAL A 31 33.42 -5.01 -13.44
C VAL A 31 34.90 -4.68 -13.59
N GLU A 32 35.23 -3.82 -14.56
CA GLU A 32 36.61 -3.40 -14.75
C GLU A 32 37.11 -2.64 -13.53
N GLY A 33 36.25 -1.84 -12.90
CA GLY A 33 36.65 -1.12 -11.71
C GLY A 33 36.89 -1.98 -10.49
N ILE A 34 36.66 -3.29 -10.59
CA ILE A 34 36.92 -4.21 -9.49
C ILE A 34 37.92 -5.25 -10.00
N LEU A 35 37.55 -5.95 -11.07
CA LEU A 35 38.40 -6.96 -11.69
C LEU A 35 39.12 -6.28 -12.86
N LYS A 36 40.37 -5.88 -12.60
CA LYS A 36 41.24 -5.21 -13.56
C LYS A 36 41.29 -5.86 -14.94
N ARG A 37 40.16 -5.93 -15.63
CA ARG A 37 40.12 -6.44 -17.00
C ARG A 37 39.28 -5.52 -17.87
N PRO A 38 39.76 -5.14 -19.06
CA PRO A 38 39.03 -4.17 -19.90
C PRO A 38 37.74 -4.74 -20.43
N PRO A 39 36.79 -3.89 -20.83
CA PRO A 39 35.52 -4.40 -21.37
C PRO A 39 35.65 -5.12 -22.70
N ASP A 40 36.72 -4.88 -23.46
CA ASP A 40 36.95 -5.66 -24.67
C ASP A 40 37.31 -7.10 -24.37
N GLU A 41 37.78 -7.38 -23.15
CA GLU A 41 38.12 -8.73 -22.72
C GLU A 41 37.10 -9.31 -21.74
N GLN A 42 35.85 -8.85 -21.79
CA GLN A 42 34.79 -9.35 -20.93
C GLN A 42 33.66 -9.92 -21.77
N ARG A 43 32.94 -10.88 -21.17
CA ARG A 43 31.81 -11.51 -21.84
C ARG A 43 30.77 -11.83 -20.77
N LEU A 44 29.72 -11.01 -20.69
CA LEU A 44 28.67 -11.19 -19.71
C LEU A 44 27.60 -12.15 -20.23
N TYR A 45 27.05 -12.96 -19.33
CA TYR A 45 26.02 -13.92 -19.67
C TYR A 45 24.86 -13.79 -18.70
N LYS A 46 23.64 -13.75 -19.22
CA LYS A 46 22.43 -13.92 -18.43
C LYS A 46 21.95 -15.35 -18.67
N ASP A 47 22.11 -16.21 -17.66
CA ASP A 47 22.01 -17.67 -17.80
C ASP A 47 23.07 -18.09 -18.81
N ASP A 48 22.71 -18.64 -19.97
CA ASP A 48 23.69 -19.06 -20.97
C ASP A 48 23.40 -18.42 -22.31
N GLN A 49 23.10 -17.12 -22.31
CA GLN A 49 22.86 -16.36 -23.53
C GLN A 49 23.72 -15.12 -23.46
N LEU A 50 24.54 -14.91 -24.49
CA LEU A 50 25.52 -13.82 -24.48
C LEU A 50 24.83 -12.47 -24.54
N LEU A 51 25.13 -11.62 -23.56
CA LEU A 51 24.52 -10.29 -23.46
C LEU A 51 25.22 -9.35 -24.43
N ASP A 52 24.45 -8.73 -25.33
CA ASP A 52 25.01 -7.76 -26.26
C ASP A 52 25.39 -6.46 -25.56
N ASP A 53 26.52 -5.89 -25.99
CA ASP A 53 27.10 -4.72 -25.35
C ASP A 53 26.24 -3.47 -25.48
N GLY A 54 25.25 -3.47 -26.38
CA GLY A 54 24.45 -2.29 -26.62
C GLY A 54 23.10 -2.26 -25.91
N LYS A 55 22.62 -3.42 -25.49
CA LYS A 55 21.30 -3.51 -24.89
C LYS A 55 21.31 -3.02 -23.45
N THR A 56 20.14 -2.59 -22.98
CA THR A 56 20.01 -2.22 -21.58
C THR A 56 19.75 -3.46 -20.74
N LEU A 57 20.01 -3.33 -19.44
CA LEU A 57 19.85 -4.47 -18.54
C LEU A 57 18.40 -4.96 -18.52
N GLY A 58 17.45 -4.04 -18.67
CA GLY A 58 16.05 -4.46 -18.74
C GLY A 58 15.73 -5.22 -20.00
N GLU A 59 16.38 -4.86 -21.11
CA GLU A 59 16.21 -5.60 -22.37
C GLU A 59 16.78 -7.01 -22.30
N CYS A 60 17.36 -7.40 -21.16
CA CYS A 60 17.94 -8.72 -20.98
C CYS A 60 17.16 -9.58 -20.00
N GLY A 61 16.07 -9.06 -19.45
CA GLY A 61 15.27 -9.79 -18.48
C GLY A 61 15.45 -9.35 -17.05
N PHE A 62 16.34 -8.41 -16.79
CA PHE A 62 16.60 -7.94 -15.43
C PHE A 62 15.59 -6.84 -15.11
N THR A 63 14.66 -7.13 -14.20
CA THR A 63 13.69 -6.15 -13.73
C THR A 63 13.76 -6.07 -12.21
N SER A 64 13.25 -4.96 -11.68
CA SER A 64 13.24 -4.77 -10.23
C SER A 64 12.34 -5.79 -9.53
N GLN A 65 11.47 -6.47 -10.26
CA GLN A 65 10.64 -7.52 -9.66
C GLN A 65 11.38 -8.86 -9.63
N THR A 66 12.16 -9.16 -10.67
CA THR A 66 12.90 -10.40 -10.75
C THR A 66 14.33 -10.29 -10.21
N ALA A 67 14.77 -9.09 -9.83
CA ALA A 67 16.13 -8.86 -9.34
C ALA A 67 16.03 -8.03 -8.05
N ARG A 68 15.43 -8.63 -7.02
CA ARG A 68 15.30 -7.97 -5.73
C ARG A 68 16.64 -7.94 -5.00
N PRO A 69 16.82 -6.99 -4.06
CA PRO A 69 18.09 -6.93 -3.33
C PRO A 69 18.32 -8.12 -2.41
N GLN A 70 17.26 -8.73 -1.89
CA GLN A 70 17.40 -9.92 -1.05
C GLN A 70 17.44 -11.20 -1.86
N ALA A 71 17.45 -11.11 -3.19
CA ALA A 71 17.55 -12.26 -4.07
C ALA A 71 17.98 -11.77 -5.45
N PRO A 72 19.23 -11.32 -5.59
CA PRO A 72 19.67 -10.73 -6.85
C PRO A 72 19.86 -11.76 -7.94
N ALA A 73 19.86 -11.29 -9.19
CA ALA A 73 19.98 -12.15 -10.35
C ALA A 73 21.45 -12.42 -10.67
N THR A 74 21.72 -13.61 -11.18
CA THR A 74 23.08 -14.05 -11.44
C THR A 74 23.47 -13.69 -12.87
N VAL A 75 24.67 -13.13 -13.03
CA VAL A 75 25.23 -12.79 -14.33
C VAL A 75 26.57 -13.49 -14.46
N GLY A 76 26.66 -14.44 -15.38
CA GLY A 76 27.92 -15.10 -15.63
C GLY A 76 28.92 -14.16 -16.27
N LEU A 77 30.21 -14.37 -15.98
CA LEU A 77 31.26 -13.51 -16.46
C LEU A 77 32.38 -14.39 -17.00
N ALA A 78 32.89 -14.04 -18.17
CA ALA A 78 34.02 -14.76 -18.77
C ALA A 78 35.09 -13.75 -19.16
N PHE A 79 36.33 -14.04 -18.78
CA PHE A 79 37.46 -13.20 -19.12
C PHE A 79 38.21 -13.76 -20.32
N ARG A 80 39.17 -12.99 -20.82
CA ARG A 80 39.92 -13.38 -21.99
C ARG A 80 41.38 -13.67 -21.67
N THR A 84 40.80 -14.99 -27.86
CA THR A 84 41.16 -16.11 -27.00
C THR A 84 40.32 -16.12 -25.71
N PHE A 85 39.01 -16.25 -25.85
CA PHE A 85 38.11 -16.24 -24.70
C PHE A 85 37.93 -17.64 -24.10
N GLU A 86 37.60 -17.64 -22.81
CA GLU A 86 37.30 -18.87 -22.07
C GLU A 86 35.83 -19.24 -22.22
N ALA A 87 35.47 -20.39 -21.66
CA ALA A 87 34.09 -20.81 -21.54
C ALA A 87 33.57 -20.45 -20.15
N LEU A 88 32.34 -19.93 -20.12
CA LEU A 88 31.74 -19.48 -18.86
C LEU A 88 31.69 -20.63 -17.85
N CYS A 89 32.25 -20.40 -16.67
CA CYS A 89 32.35 -21.43 -15.63
C CYS A 89 32.10 -20.77 -14.28
N ILE A 90 30.94 -21.08 -13.71
CA ILE A 90 30.55 -20.58 -12.38
C ILE A 90 30.61 -21.74 -11.41
N GLU A 91 31.44 -21.62 -10.38
CA GLU A 91 31.55 -22.68 -9.39
C GLU A 91 30.38 -22.60 -8.41
N PRO A 92 29.72 -23.71 -8.11
CA PRO A 92 28.58 -23.66 -7.20
C PRO A 92 29.00 -23.37 -5.77
N PHE A 93 28.03 -22.90 -4.98
CA PHE A 93 28.27 -22.67 -3.57
C PHE A 93 28.32 -23.99 -2.83
N SER A 94 28.52 -23.93 -1.52
CA SER A 94 28.53 -25.14 -0.72
C SER A 94 27.13 -25.71 -0.63
N SER A 95 27.05 -26.97 -0.23
CA SER A 95 25.68 -27.45 -0.16
C SER A 95 25.17 -27.39 1.27
N PRO A 96 23.92 -27.00 1.47
CA PRO A 96 23.38 -26.96 2.83
C PRO A 96 23.24 -28.37 3.38
N PRO A 97 23.35 -28.54 4.70
CA PRO A 97 23.25 -29.88 5.29
C PRO A 97 21.81 -30.37 5.33
N GLU A 98 21.68 -31.67 5.57
CA GLU A 98 20.37 -32.29 5.67
C GLU A 98 19.57 -31.69 6.82
N LEU A 99 18.27 -31.60 6.62
CA LEU A 99 17.37 -30.97 7.59
C LEU A 99 17.31 -31.78 8.88
N PRO A 100 17.63 -31.18 10.03
CA PRO A 100 17.48 -31.90 11.30
C PRO A 100 16.04 -32.30 11.53
N ASP A 101 15.86 -33.43 12.25
CA ASP A 101 14.52 -33.98 12.42
C ASP A 101 13.61 -33.06 13.21
N VAL A 102 14.18 -32.19 14.06
CA VAL A 102 13.35 -31.27 14.82
C VAL A 102 12.75 -30.20 13.93
N MET A 103 13.33 -29.97 12.75
CA MET A 103 12.86 -28.96 11.82
C MET A 103 12.21 -29.56 10.58
N LYS A 104 11.56 -30.71 10.73
CA LYS A 104 10.84 -31.31 9.60
C LYS A 104 9.33 -31.19 9.79
N MET B 2 34.22 2.01 -3.15
CA MET B 2 35.12 1.20 -2.34
C MET B 2 34.52 -0.18 -2.08
N TYR B 3 35.24 -1.22 -2.46
CA TYR B 3 34.79 -2.60 -2.30
C TYR B 3 35.74 -3.37 -1.39
N VAL B 4 35.18 -4.22 -0.54
CA VAL B 4 35.94 -5.14 0.29
C VAL B 4 35.72 -6.56 -0.20
N LYS B 5 36.56 -7.47 0.27
CA LYS B 5 36.50 -8.88 -0.11
C LYS B 5 36.21 -9.74 1.10
N LEU B 6 35.20 -10.58 0.99
CA LEU B 6 34.79 -11.50 2.05
C LEU B 6 34.92 -12.93 1.53
N ILE B 7 35.83 -13.70 2.13
CA ILE B 7 36.12 -15.06 1.70
C ILE B 7 35.45 -16.04 2.66
N SER B 8 34.79 -17.04 2.09
CA SER B 8 34.12 -18.06 2.89
C SER B 8 35.11 -19.17 3.25
N SER B 9 34.61 -20.26 3.85
CA SER B 9 35.48 -21.36 4.25
C SER B 9 35.89 -22.26 3.10
N ASP B 10 35.14 -22.23 1.98
CA ASP B 10 35.45 -23.08 0.83
C ASP B 10 36.03 -22.29 -0.34
N GLY B 11 36.64 -21.14 -0.06
CA GLY B 11 37.35 -20.39 -1.07
C GLY B 11 36.52 -19.47 -1.94
N HIS B 12 35.25 -19.27 -1.62
CA HIS B 12 34.42 -18.35 -2.38
C HIS B 12 34.63 -16.93 -1.88
N GLU B 13 35.05 -16.03 -2.76
CA GLU B 13 35.31 -14.64 -2.41
C GLU B 13 34.16 -13.78 -2.92
N PHE B 14 33.57 -12.99 -2.02
CA PHE B 14 32.43 -12.14 -2.34
C PHE B 14 32.87 -10.69 -2.30
N ILE B 15 32.73 -9.99 -3.42
CA ILE B 15 33.07 -8.59 -3.51
C ILE B 15 31.81 -7.78 -3.25
N VAL B 16 31.84 -6.94 -2.21
CA VAL B 16 30.69 -6.16 -1.80
C VAL B 16 31.17 -4.79 -1.35
N LYS B 17 30.34 -3.78 -1.52
CA LYS B 17 30.74 -2.43 -1.13
C LYS B 17 30.96 -2.35 0.38
N ARG B 18 31.85 -1.44 0.77
CA ARG B 18 32.27 -1.35 2.17
C ARG B 18 31.12 -0.89 3.07
N GLU B 19 30.38 0.13 2.64
CA GLU B 19 29.24 0.60 3.42
C GLU B 19 28.17 -0.47 3.61
N HIS B 20 28.12 -1.46 2.71
CA HIS B 20 27.21 -2.58 2.90
C HIS B 20 27.77 -3.59 3.90
N ALA B 21 29.08 -3.84 3.85
CA ALA B 21 29.72 -4.77 4.77
C ALA B 21 29.88 -4.17 6.16
N LEU B 22 29.85 -2.84 6.28
CA LEU B 22 29.93 -2.18 7.57
C LEU B 22 28.73 -2.45 8.46
N THR B 23 27.64 -3.03 7.90
CA THR B 23 26.50 -3.43 8.71
C THR B 23 26.89 -4.41 9.79
N SER B 24 27.77 -5.36 9.47
CA SER B 24 28.22 -6.35 10.45
C SER B 24 29.14 -5.68 11.46
N GLY B 25 28.80 -5.79 12.75
CA GLY B 25 29.66 -5.25 13.78
C GLY B 25 30.99 -5.94 13.87
N THR B 26 31.04 -7.23 13.51
CA THR B 26 32.32 -7.94 13.48
C THR B 26 33.18 -7.49 12.31
N ILE B 27 32.58 -7.37 11.13
CA ILE B 27 33.33 -6.91 9.96
C ILE B 27 33.76 -5.46 10.14
N LYS B 28 32.96 -4.65 10.83
CA LYS B 28 33.31 -3.25 11.04
C LYS B 28 34.60 -3.11 11.86
N ALA B 29 34.73 -3.92 12.92
CA ALA B 29 35.90 -3.82 13.78
C ALA B 29 37.16 -4.40 13.14
N MET B 30 37.01 -5.45 12.33
CA MET B 30 38.19 -6.11 11.79
C MET B 30 38.88 -5.31 10.68
N LEU B 31 38.20 -4.32 10.10
CA LEU B 31 38.85 -3.46 9.11
C LEU B 31 38.73 -1.98 9.50
N THR B 42 43.24 -4.70 5.89
CA THR B 42 42.03 -3.95 6.20
C THR B 42 41.14 -3.79 4.98
N ASN B 43 41.39 -4.62 3.96
CA ASN B 43 40.60 -4.58 2.74
C ASN B 43 40.07 -5.95 2.32
N GLU B 44 40.62 -7.04 2.84
CA GLU B 44 40.15 -8.39 2.57
C GLU B 44 39.91 -9.08 3.91
N VAL B 45 38.76 -9.76 4.04
CA VAL B 45 38.39 -10.41 5.29
C VAL B 45 38.14 -11.89 5.01
N ASN B 46 38.77 -12.75 5.82
CA ASN B 46 38.64 -14.19 5.68
C ASN B 46 37.75 -14.74 6.79
N PHE B 47 37.08 -15.86 6.48
CA PHE B 47 36.21 -16.54 7.42
C PHE B 47 36.57 -18.02 7.39
N ARG B 48 36.81 -18.60 8.58
CA ARG B 48 37.37 -19.94 8.65
C ARG B 48 36.31 -21.04 8.71
N GLU B 49 35.11 -20.75 9.23
CA GLU B 49 34.10 -21.79 9.41
C GLU B 49 32.74 -21.43 8.82
N ILE B 50 32.64 -20.35 8.05
CA ILE B 50 31.38 -19.96 7.43
C ILE B 50 31.42 -20.39 5.97
N PRO B 51 30.60 -21.34 5.55
CA PRO B 51 30.66 -21.81 4.15
C PRO B 51 30.13 -20.78 3.17
N SER B 52 30.17 -21.12 1.87
CA SER B 52 29.80 -20.15 0.84
C SER B 52 28.30 -19.93 0.79
N HIS B 53 27.50 -21.00 0.92
CA HIS B 53 26.06 -20.85 0.83
C HIS B 53 25.48 -20.06 2.00
N VAL B 54 26.25 -19.88 3.07
CA VAL B 54 25.83 -19.02 4.17
C VAL B 54 26.33 -17.60 3.98
N LEU B 55 27.60 -17.44 3.59
CA LEU B 55 28.15 -16.10 3.38
C LEU B 55 27.50 -15.41 2.19
N SER B 56 27.07 -16.17 1.17
CA SER B 56 26.36 -15.57 0.05
C SER B 56 25.03 -14.98 0.49
N LYS B 57 24.37 -15.62 1.45
CA LYS B 57 23.10 -15.09 1.95
C LYS B 57 23.33 -13.86 2.82
N VAL B 58 24.41 -13.86 3.61
CA VAL B 58 24.71 -12.70 4.45
C VAL B 58 24.99 -11.47 3.59
N CYS B 59 25.73 -11.66 2.49
CA CYS B 59 25.95 -10.55 1.57
C CYS B 59 24.65 -10.03 0.98
N MET B 60 23.66 -10.92 0.80
CA MET B 60 22.35 -10.48 0.34
C MET B 60 21.62 -9.67 1.40
N TYR B 61 21.82 -10.00 2.68
CA TYR B 61 21.23 -9.20 3.74
C TYR B 61 21.83 -7.80 3.79
N PHE B 62 23.11 -7.66 3.44
CA PHE B 62 23.73 -6.34 3.41
C PHE B 62 23.03 -5.43 2.39
N THR B 63 22.72 -5.97 1.21
CA THR B 63 21.97 -5.20 0.23
C THR B 63 20.57 -4.88 0.75
N TYR B 64 19.88 -5.89 1.29
CA TYR B 64 18.54 -5.69 1.83
C TYR B 64 18.54 -4.70 2.99
N LYS B 65 19.60 -4.72 3.80
CA LYS B 65 19.70 -3.79 4.92
C LYS B 65 19.77 -2.34 4.44
N VAL B 66 20.79 -2.01 3.65
CA VAL B 66 21.02 -0.63 3.24
C VAL B 66 19.87 -0.12 2.36
N ARG B 67 19.22 -1.02 1.62
CA ARG B 67 18.21 -0.61 0.67
C ARG B 67 16.93 -0.15 1.37
N TYR B 68 16.53 -0.81 2.45
CA TYR B 68 15.24 -0.55 3.08
C TYR B 68 15.34 0.01 4.49
N THR B 69 16.54 0.35 4.98
CA THR B 69 16.67 0.75 6.37
C THR B 69 15.95 2.06 6.67
N ASN B 70 15.81 2.94 5.68
CA ASN B 70 15.09 4.20 5.85
C ASN B 70 13.92 4.32 4.89
N SER B 71 13.47 3.19 4.34
CA SER B 71 12.36 3.18 3.40
C SER B 71 11.07 3.65 4.07
N SER B 72 10.37 4.58 3.40
CA SER B 72 9.09 5.08 3.88
C SER B 72 7.91 4.22 3.45
N THR B 73 8.08 3.40 2.42
CA THR B 73 7.03 2.53 1.93
C THR B 73 7.17 1.13 2.54
N GLU B 74 6.44 0.16 2.00
CA GLU B 74 6.50 -1.19 2.55
C GLU B 74 7.79 -1.89 2.12
N ILE B 75 8.18 -2.86 2.92
CA ILE B 75 9.45 -3.57 2.78
C ILE B 75 9.16 -5.04 2.58
N PRO B 76 9.81 -5.72 1.63
CA PRO B 76 9.60 -7.17 1.49
C PRO B 76 10.23 -7.95 2.64
N GLU B 77 9.72 -9.16 2.83
CA GLU B 77 10.27 -10.07 3.83
C GLU B 77 11.61 -10.63 3.36
N PHE B 78 12.52 -10.85 4.31
CA PHE B 78 13.80 -11.45 3.99
C PHE B 78 13.66 -12.96 4.00
N PRO B 79 13.76 -13.64 2.87
CA PRO B 79 13.51 -15.08 2.82
C PRO B 79 14.67 -15.90 3.35
N ILE B 80 14.34 -16.92 4.16
CA ILE B 80 15.34 -17.82 4.73
C ILE B 80 14.81 -19.25 4.61
N ALA B 81 15.54 -20.11 3.89
CA ALA B 81 15.15 -21.51 3.72
C ALA B 81 15.45 -22.30 4.99
N PRO B 82 14.66 -23.35 5.26
CA PRO B 82 14.91 -24.16 6.46
C PRO B 82 16.30 -24.79 6.51
N GLU B 83 16.86 -25.17 5.36
CA GLU B 83 18.16 -25.82 5.35
C GLU B 83 19.29 -24.84 5.64
N ILE B 84 19.03 -23.54 5.52
CA ILE B 84 20.02 -22.51 5.81
C ILE B 84 19.74 -21.84 7.16
N ALA B 85 18.52 -21.97 7.68
CA ALA B 85 18.11 -21.18 8.84
C ALA B 85 19.01 -21.43 10.04
N LEU B 86 19.38 -22.67 10.29
CA LEU B 86 20.18 -22.97 11.48
C LEU B 86 21.63 -22.51 11.30
N GLU B 87 22.24 -22.82 10.15
CA GLU B 87 23.59 -22.35 9.91
C GLU B 87 23.67 -20.83 9.79
N LEU B 88 22.63 -20.20 9.23
CA LEU B 88 22.66 -18.75 9.10
C LEU B 88 22.57 -18.07 10.46
N LEU B 89 21.81 -18.66 11.39
CA LEU B 89 21.70 -18.10 12.72
C LEU B 89 23.05 -18.08 13.44
N MET B 90 23.88 -19.10 13.20
CA MET B 90 25.21 -19.10 13.78
C MET B 90 26.08 -18.00 13.19
N ALA B 91 26.02 -17.82 11.87
CA ALA B 91 26.77 -16.75 11.22
C ALA B 91 26.21 -15.37 11.59
N ALA B 92 24.89 -15.26 11.69
CA ALA B 92 24.29 -13.99 12.08
C ALA B 92 24.67 -13.61 13.51
N ASN B 93 24.89 -14.61 14.37
CA ASN B 93 25.28 -14.33 15.75
C ASN B 93 26.74 -13.88 15.82
N PHE B 94 27.62 -14.54 15.07
CA PHE B 94 29.04 -14.19 15.11
C PHE B 94 29.33 -12.82 14.49
N LEU B 95 28.56 -12.44 13.48
CA LEU B 95 28.83 -11.19 12.77
C LEU B 95 28.21 -9.97 13.43
N ASP B 96 27.23 -10.17 14.33
CA ASP B 96 26.54 -9.08 15.02
C ASP B 96 25.94 -8.11 14.02
N CYS B 97 24.94 -8.62 13.29
CA CYS B 97 24.26 -7.84 12.26
C CYS B 97 22.76 -8.13 12.27
N VAL C 11 3.14 5.57 31.41
CA VAL C 11 3.39 6.92 30.92
C VAL C 11 2.94 7.03 29.47
N LEU C 12 3.10 5.95 28.72
CA LEU C 12 2.64 5.85 27.33
C LEU C 12 1.18 5.43 27.34
N ARG C 13 0.27 6.39 27.22
CA ARG C 13 -1.15 6.10 27.28
C ARG C 13 -1.89 7.03 26.33
N SER C 14 -3.12 6.65 26.00
CA SER C 14 -3.97 7.46 25.15
C SER C 14 -4.60 8.59 25.94
N VAL C 15 -4.86 9.69 25.26
CA VAL C 15 -5.52 10.83 25.87
C VAL C 15 -7.02 10.62 25.73
N ASN C 16 -7.76 10.94 26.80
CA ASN C 16 -9.20 10.80 26.79
C ASN C 16 -9.81 12.05 26.18
N SER C 17 -9.65 12.15 24.85
CA SER C 17 -10.09 13.34 24.13
C SER C 17 -11.57 13.30 23.80
N ARG C 18 -12.11 12.11 23.54
CA ARG C 18 -13.50 11.94 23.11
C ARG C 18 -13.78 12.68 21.81
N GLU C 19 -12.72 12.97 21.05
CA GLU C 19 -12.82 13.66 19.77
C GLU C 19 -12.59 12.65 18.67
N PRO C 20 -13.60 12.33 17.85
CA PRO C 20 -13.43 11.27 16.86
C PRO C 20 -12.42 11.64 15.79
N SER C 21 -11.86 10.60 15.17
CA SER C 21 -10.88 10.78 14.10
C SER C 21 -10.88 9.50 13.28
N GLN C 22 -11.38 9.58 12.04
CA GLN C 22 -11.43 8.39 11.20
C GLN C 22 -10.04 8.06 10.68
N VAL C 23 -9.64 6.80 10.82
CA VAL C 23 -8.31 6.34 10.45
C VAL C 23 -8.46 5.13 9.54
N ILE C 24 -7.48 4.94 8.67
CA ILE C 24 -7.43 3.80 7.77
C ILE C 24 -6.20 2.98 8.14
N PHE C 25 -6.43 1.77 8.67
CA PHE C 25 -5.34 0.82 8.87
C PHE C 25 -5.12 0.05 7.57
N CYS C 26 -3.86 -0.20 7.25
CA CYS C 26 -3.50 -0.85 5.99
C CYS C 26 -2.36 -1.81 6.24
N ASN C 27 -2.63 -3.10 6.13
CA ASN C 27 -1.63 -4.16 6.34
C ASN C 27 -0.88 -4.39 5.03
N ARG C 28 0.18 -3.62 4.82
CA ARG C 28 1.10 -3.82 3.72
C ARG C 28 2.22 -4.80 4.07
N SER C 29 2.02 -5.65 5.11
CA SER C 29 2.96 -6.66 5.53
C SER C 29 2.50 -8.04 5.09
N PRO C 30 3.42 -8.97 4.81
CA PRO C 30 3.02 -10.36 4.53
C PRO C 30 2.57 -11.11 5.76
N ARG C 31 2.61 -10.48 6.93
CA ARG C 31 2.16 -11.06 8.19
C ARG C 31 0.72 -10.66 8.46
N VAL C 32 0.10 -11.37 9.40
CA VAL C 32 -1.21 -10.98 9.92
C VAL C 32 -0.98 -9.98 11.05
N VAL C 33 -1.48 -8.77 10.88
CA VAL C 33 -1.18 -7.66 11.78
C VAL C 33 -2.22 -7.60 12.90
N LEU C 34 -1.74 -7.39 14.12
CA LEU C 34 -2.59 -7.26 15.30
C LEU C 34 -2.57 -5.81 15.79
N PRO C 35 -3.62 -5.04 15.56
CA PRO C 35 -3.66 -3.66 16.09
C PRO C 35 -3.72 -3.67 17.61
N VAL C 36 -2.82 -2.89 18.23
CA VAL C 36 -2.69 -2.82 19.67
C VAL C 36 -2.95 -1.38 20.10
N TRP C 37 -4.04 -1.17 20.84
CA TRP C 37 -4.41 0.14 21.35
C TRP C 37 -3.95 0.27 22.79
N LEU C 38 -3.31 1.39 23.11
CA LEU C 38 -2.84 1.67 24.46
C LEU C 38 -3.94 2.47 25.16
N ASN C 39 -4.58 1.87 26.16
CA ASN C 39 -5.75 2.49 26.76
C ASN C 39 -5.32 3.67 27.64
N PHE C 40 -6.28 4.24 28.37
CA PHE C 40 -6.01 5.40 29.20
C PHE C 40 -5.21 5.07 30.44
N ASP C 41 -5.05 3.79 30.77
CA ASP C 41 -4.24 3.35 31.89
C ASP C 41 -2.88 2.81 31.47
N GLY C 42 -2.62 2.71 30.17
CA GLY C 42 -1.36 2.21 29.67
C GLY C 42 -1.32 0.73 29.36
N GLU C 43 -2.46 0.05 29.40
CA GLU C 43 -2.44 -1.38 29.11
C GLU C 43 -2.69 -1.63 27.63
N PRO C 44 -1.99 -2.58 27.01
CA PRO C 44 -2.18 -2.84 25.59
C PRO C 44 -3.42 -3.68 25.36
N GLN C 45 -4.37 -3.15 24.60
CA GLN C 45 -5.61 -3.86 24.28
C GLN C 45 -5.64 -4.23 22.80
N PRO C 46 -5.60 -5.52 22.47
CA PRO C 46 -5.62 -5.91 21.05
C PRO C 46 -7.00 -5.68 20.43
N TYR C 47 -7.00 -5.65 19.11
CA TYR C 47 -8.19 -5.40 18.30
C TYR C 47 -8.23 -6.44 17.18
N PRO C 48 -9.36 -6.55 16.48
CA PRO C 48 -9.47 -7.57 15.42
C PRO C 48 -8.33 -7.46 14.43
N THR C 49 -7.79 -8.63 14.05
CA THR C 49 -6.58 -8.67 13.24
C THR C 49 -6.89 -8.24 11.81
N LEU C 50 -5.81 -8.02 11.06
CA LEU C 50 -5.88 -7.64 9.65
C LEU C 50 -5.17 -8.67 8.81
N PRO C 51 -5.84 -9.29 7.83
CA PRO C 51 -5.16 -10.24 6.96
C PRO C 51 -4.12 -9.53 6.10
N PRO C 52 -3.13 -10.25 5.58
CA PRO C 52 -2.06 -9.60 4.79
C PRO C 52 -2.62 -8.99 3.51
N GLY C 53 -2.51 -7.67 3.41
CA GLY C 53 -2.94 -6.97 2.22
C GLY C 53 -4.35 -6.43 2.27
N THR C 54 -4.85 -6.05 3.45
CA THR C 54 -6.22 -5.59 3.62
C THR C 54 -6.23 -4.18 4.21
N GLY C 55 -7.43 -3.62 4.28
CA GLY C 55 -7.61 -2.30 4.85
C GLY C 55 -8.94 -2.19 5.55
N ARG C 56 -9.00 -1.30 6.54
CA ARG C 56 -10.18 -1.14 7.38
C ARG C 56 -10.31 0.33 7.76
N ARG C 57 -11.55 0.81 7.81
CA ARG C 57 -11.86 2.21 8.14
C ARG C 57 -12.16 2.28 9.64
N ILE C 58 -11.11 2.50 10.42
CA ILE C 58 -11.22 2.50 11.88
C ILE C 58 -11.71 3.86 12.35
N HIS C 59 -12.59 3.85 13.35
N HIS C 59 -12.59 3.87 13.35
CA HIS C 59 -13.10 5.07 13.99
CA HIS C 59 -13.08 5.10 13.96
C HIS C 59 -12.37 5.22 15.32
C HIS C 59 -12.39 5.25 15.31
N SER C 60 -11.20 5.85 15.29
CA SER C 60 -10.43 6.09 16.49
C SER C 60 -10.66 7.54 16.97
N TYR C 61 -9.88 7.95 17.97
CA TYR C 61 -10.03 9.27 18.56
C TYR C 61 -8.67 9.93 18.69
N ARG C 62 -8.68 11.26 18.68
CA ARG C 62 -7.43 12.03 18.70
C ARG C 62 -6.66 11.75 20.00
N GLY C 63 -5.34 11.67 19.87
CA GLY C 63 -4.49 11.41 21.01
C GLY C 63 -4.43 9.96 21.45
N HIS C 64 -4.94 9.03 20.65
CA HIS C 64 -4.93 7.62 21.00
C HIS C 64 -3.68 6.96 20.45
N LEU C 65 -3.00 6.20 21.31
CA LEU C 65 -1.76 5.54 20.91
C LEU C 65 -2.05 4.21 20.24
N TRP C 66 -1.27 3.90 19.20
CA TRP C 66 -1.43 2.66 18.46
C TRP C 66 -0.06 2.08 18.13
N LEU C 67 0.01 0.75 18.15
CA LEU C 67 1.17 0.03 17.63
C LEU C 67 0.66 -1.29 17.08
N PHE C 68 1.49 -1.92 16.25
CA PHE C 68 1.05 -3.08 15.48
C PHE C 68 2.09 -4.18 15.59
N ARG C 69 1.60 -5.41 15.76
CA ARG C 69 2.46 -6.57 15.94
C ARG C 69 1.98 -7.70 15.05
N ASP C 70 2.88 -8.65 14.78
CA ASP C 70 2.46 -9.88 14.13
C ASP C 70 1.45 -10.60 15.02
N ALA C 71 0.33 -11.01 14.43
CA ALA C 71 -0.76 -11.57 15.23
C ALA C 71 -0.33 -12.81 16.00
N GLY C 72 0.45 -13.67 15.36
CA GLY C 72 0.84 -14.93 15.99
C GLY C 72 2.12 -14.85 16.79
N THR C 73 3.22 -14.44 16.16
CA THR C 73 4.53 -14.42 16.79
C THR C 73 4.77 -13.20 17.66
N HIS C 74 3.88 -12.21 17.61
CA HIS C 74 4.01 -10.97 18.40
C HIS C 74 5.32 -10.24 18.07
N ASP C 75 5.72 -10.28 16.80
CA ASP C 75 6.89 -9.54 16.35
C ASP C 75 6.54 -8.07 16.14
N GLY C 76 7.58 -7.23 16.19
CA GLY C 76 7.36 -5.80 16.01
C GLY C 76 7.11 -5.43 14.56
N LEU C 77 6.31 -4.39 14.38
CA LEU C 77 5.95 -3.90 13.07
C LEU C 77 5.92 -2.37 13.08
N LEU C 78 6.16 -1.78 11.92
CA LEU C 78 6.25 -0.33 11.78
C LEU C 78 4.99 0.23 11.14
N VAL C 79 4.58 1.41 11.60
CA VAL C 79 3.44 2.13 11.04
C VAL C 79 3.93 3.52 10.63
N ASN C 80 3.87 3.81 9.33
CA ASN C 80 4.38 5.06 8.78
C ASN C 80 5.83 5.29 9.19
N GLN C 81 6.62 4.21 9.14
CA GLN C 81 8.05 4.24 9.46
C GLN C 81 8.30 4.72 10.89
N THR C 82 7.44 4.30 11.81
CA THR C 82 7.64 4.51 13.23
C THR C 82 6.87 3.44 13.99
N GLU C 83 7.24 3.25 15.26
CA GLU C 83 6.65 2.22 16.10
C GLU C 83 5.37 2.64 16.81
N LEU C 84 4.99 3.92 16.77
CA LEU C 84 3.75 4.37 17.37
C LEU C 84 2.95 5.21 16.38
N PHE C 85 1.65 5.27 16.61
CA PHE C 85 0.73 6.02 15.77
C PHE C 85 -0.24 6.79 16.64
N VAL C 86 -0.34 8.10 16.43
CA VAL C 86 -1.35 8.93 17.06
C VAL C 86 -2.15 9.60 15.95
N PRO C 87 -3.46 9.38 15.86
CA PRO C 87 -4.25 10.07 14.85
C PRO C 87 -4.36 11.55 15.17
N SER C 88 -4.19 12.38 14.15
CA SER C 88 -4.37 13.82 14.29
C SER C 88 -5.86 14.17 14.24
N LEU C 89 -6.16 15.40 13.86
CA LEU C 89 -7.53 15.83 13.61
C LEU C 89 -7.77 15.83 12.11
N ASN C 90 -8.85 15.19 11.68
CA ASN C 90 -9.16 15.12 10.27
C ASN C 90 -9.49 16.50 9.73
N VAL C 91 -8.93 16.81 8.55
CA VAL C 91 -9.14 18.10 7.89
C VAL C 91 -10.09 17.89 6.73
N ASP C 92 -11.18 18.67 6.72
CA ASP C 92 -12.17 18.62 5.65
C ASP C 92 -12.74 17.21 5.48
N GLY C 93 -12.89 16.48 6.59
CA GLY C 93 -13.44 15.15 6.56
C GLY C 93 -12.56 14.08 5.97
N GLN C 94 -11.33 14.40 5.57
CA GLN C 94 -10.44 13.40 5.00
C GLN C 94 -10.03 12.37 6.06
N PRO C 95 -9.86 11.11 5.68
CA PRO C 95 -9.35 10.12 6.64
C PRO C 95 -7.87 10.32 6.87
N ILE C 96 -7.35 9.58 7.84
CA ILE C 96 -5.91 9.59 8.17
C ILE C 96 -5.38 8.19 7.91
N PHE C 97 -4.35 8.09 7.07
CA PHE C 97 -3.83 6.81 6.61
C PHE C 97 -2.69 6.33 7.50
N ALA C 98 -2.83 5.12 8.03
CA ALA C 98 -1.77 4.46 8.81
C ALA C 98 -1.27 3.26 8.00
N ASN C 99 -0.07 3.39 7.43
CA ASN C 99 0.51 2.36 6.60
C ASN C 99 1.40 1.46 7.45
N ILE C 100 1.09 0.16 7.46
CA ILE C 100 1.80 -0.81 8.30
C ILE C 100 2.74 -1.61 7.41
N THR C 101 4.03 -1.58 7.71
CA THR C 101 5.05 -2.29 6.95
C THR C 101 5.88 -3.15 7.88
N LEU C 102 6.69 -4.02 7.28
CA LEU C 102 7.68 -4.75 8.04
C LEU C 102 8.82 -3.80 8.43
N PRO C 103 9.46 -4.04 9.56
CA PRO C 103 10.73 -3.36 9.85
C PRO C 103 11.90 -4.16 9.29
N VAL C 104 13.04 -3.48 9.20
CA VAL C 104 14.26 -4.16 8.78
C VAL C 104 14.79 -4.94 9.97
N TYR C 105 14.30 -6.17 10.14
CA TYR C 105 14.78 -7.02 11.23
C TYR C 105 16.26 -7.30 11.04
N THR C 106 17.01 -7.26 12.14
CA THR C 106 18.39 -7.69 12.11
C THR C 106 18.46 -9.14 11.66
N LEU C 107 19.55 -9.49 10.97
CA LEU C 107 19.69 -10.84 10.44
C LEU C 107 19.58 -11.89 11.54
N LYS C 108 20.09 -11.57 12.74
CA LYS C 108 19.95 -12.48 13.87
C LYS C 108 18.50 -12.65 14.25
N GLU C 109 17.78 -11.53 14.40
CA GLU C 109 16.38 -11.60 14.83
C GLU C 109 15.51 -12.26 13.76
N ARG C 110 15.78 -12.00 12.48
CA ARG C 110 15.04 -12.66 11.42
C ARG C 110 15.26 -14.17 11.45
N CYS C 111 16.50 -14.60 11.67
CA CYS C 111 16.78 -16.04 11.75
C CYS C 111 16.07 -16.67 12.94
N LEU C 112 16.03 -15.97 14.08
CA LEU C 112 15.29 -16.48 15.23
C LEU C 112 13.82 -16.67 14.90
N GLN C 113 13.22 -15.68 14.23
CA GLN C 113 11.79 -15.78 13.87
C GLN C 113 11.52 -17.02 13.02
N VAL C 114 12.38 -17.30 12.05
CA VAL C 114 12.16 -18.45 11.18
C VAL C 114 12.32 -19.74 11.97
N VAL C 115 13.32 -19.82 12.84
CA VAL C 115 13.54 -21.04 13.62
C VAL C 115 12.42 -21.23 14.64
N ARG C 116 11.94 -20.13 15.24
CA ARG C 116 10.82 -20.24 16.17
C ARG C 116 9.57 -20.78 15.48
N SER C 117 9.43 -20.56 14.18
CA SER C 117 8.28 -21.01 13.41
C SER C 117 8.44 -22.43 12.88
N LEU C 118 9.60 -23.05 13.07
CA LEU C 118 9.84 -24.40 12.57
C LEU C 118 10.13 -25.43 13.65
N VAL C 119 10.50 -25.01 14.86
CA VAL C 119 10.81 -25.92 15.95
C VAL C 119 9.86 -25.62 17.09
N LYS C 120 9.25 -26.66 17.64
CA LYS C 120 8.41 -26.49 18.82
C LYS C 120 9.28 -26.07 20.01
N PRO C 121 8.78 -25.18 20.87
CA PRO C 121 9.62 -24.70 21.98
C PRO C 121 10.16 -25.80 22.88
N GLU C 122 9.51 -26.97 22.92
CA GLU C 122 10.04 -28.09 23.67
C GLU C 122 11.30 -28.67 23.02
N ASN C 123 11.48 -28.46 21.71
CA ASN C 123 12.61 -29.03 20.98
C ASN C 123 13.69 -28.00 20.69
N TYR C 124 13.61 -26.81 21.28
CA TYR C 124 14.66 -25.81 21.07
C TYR C 124 16.01 -26.34 21.55
N ARG C 125 16.03 -27.02 22.69
CA ARG C 125 17.26 -27.52 23.27
C ARG C 125 17.83 -28.74 22.55
N ARG C 126 17.07 -29.33 21.63
CA ARG C 126 17.57 -30.43 20.83
C ARG C 126 18.38 -29.97 19.63
N LEU C 127 18.46 -28.66 19.40
CA LEU C 127 19.23 -28.10 18.31
C LEU C 127 20.73 -28.11 18.64
N ASP C 128 21.53 -27.93 17.59
CA ASP C 128 22.98 -27.90 17.72
C ASP C 128 23.52 -26.48 17.75
N ILE C 129 22.77 -25.54 18.32
CA ILE C 129 23.20 -24.17 18.37
C ILE C 129 23.82 -23.93 19.74
N VAL C 130 24.50 -22.80 19.87
CA VAL C 130 25.17 -22.48 21.12
C VAL C 130 24.15 -22.08 22.18
N ARG C 131 24.54 -22.24 23.45
CA ARG C 131 23.65 -21.92 24.54
C ARG C 131 23.29 -20.44 24.59
N SER C 132 24.13 -19.57 24.02
CA SER C 132 23.77 -18.16 23.93
C SER C 132 22.55 -17.97 23.02
N LEU C 133 22.41 -18.82 22.00
CA LEU C 133 21.27 -18.74 21.10
C LEU C 133 20.07 -19.52 21.59
N TYR C 134 20.30 -20.55 22.43
CA TYR C 134 19.18 -21.29 23.01
C TYR C 134 18.31 -20.38 23.86
N GLU C 135 18.95 -19.42 24.55
CA GLU C 135 18.22 -18.45 25.36
C GLU C 135 17.47 -17.46 24.48
N ASP C 136 18.13 -16.97 23.43
CA ASP C 136 17.51 -16.01 22.52
C ASP C 136 16.28 -16.57 21.84
N LEU C 137 16.25 -17.89 21.62
CA LEU C 137 15.08 -18.53 21.03
C LEU C 137 13.88 -18.43 21.97
N GLU C 138 14.10 -18.66 23.27
CA GLU C 138 13.01 -18.66 24.24
C GLU C 138 12.60 -17.26 24.65
N ASP C 139 13.34 -16.22 24.27
CA ASP C 139 12.92 -14.85 24.52
C ASP C 139 12.00 -14.39 23.39
N HIS C 140 10.79 -14.95 23.40
CA HIS C 140 9.79 -14.53 22.45
C HIS C 140 9.36 -13.10 22.77
N PRO C 141 8.99 -12.31 21.76
CA PRO C 141 8.73 -10.90 22.01
C PRO C 141 7.47 -10.71 22.85
N ASN C 142 7.60 -9.95 23.93
CA ASN C 142 6.47 -9.53 24.72
C ASN C 142 6.29 -8.03 24.51
N VAL C 143 5.05 -7.57 24.66
CA VAL C 143 4.81 -6.15 24.39
C VAL C 143 5.19 -5.29 25.57
N GLN C 144 5.12 -5.83 26.80
CA GLN C 144 5.38 -5.02 27.99
C GLN C 144 6.82 -4.53 28.03
N LYS C 145 7.77 -5.39 27.66
CA LYS C 145 9.16 -4.93 27.60
C LYS C 145 9.35 -3.91 26.48
N ASP C 146 8.51 -3.97 25.44
CA ASP C 146 8.59 -2.97 24.39
C ASP C 146 8.00 -1.63 24.83
N LEU C 147 6.93 -1.65 25.64
CA LEU C 147 6.46 -0.41 26.24
C LEU C 147 7.45 0.13 27.27
N GLU C 148 8.19 -0.74 27.95
CA GLU C 148 9.14 -0.27 28.95
C GLU C 148 10.31 0.46 28.30
N ARG C 149 10.83 -0.07 27.19
CA ARG C 149 11.93 0.58 26.50
C ARG C 149 11.48 1.84 25.79
N LEU C 150 10.30 1.80 25.15
CA LEU C 150 9.81 2.96 24.40
C LEU C 150 9.62 4.18 25.31
N THR C 151 9.22 3.96 26.56
CA THR C 151 9.15 5.07 27.51
C THR C 151 10.54 5.59 27.84
N GLN C 152 11.48 4.68 28.08
CA GLN C 152 12.85 5.08 28.38
C GLN C 152 13.52 5.69 27.16
N GLU C 153 13.09 5.30 25.96
CA GLU C 153 13.69 5.86 24.74
C GLU C 153 13.27 7.30 24.52
N ARG C 154 12.07 7.68 24.94
CA ARG C 154 11.61 9.07 24.78
C ARG C 154 11.82 9.87 26.05
N ILE C 155 13.05 9.89 26.54
CA ILE C 155 13.41 10.69 27.70
C ILE C 155 14.02 12.01 27.24
N ALA C 156 14.70 11.98 26.10
CA ALA C 156 15.36 13.15 25.52
C ALA C 156 16.34 13.78 26.52
N MET D 2 -33.59 -28.39 21.84
CA MET D 2 -33.90 -26.96 21.70
C MET D 2 -32.69 -26.08 21.95
N THR D 3 -32.36 -25.23 20.99
CA THR D 3 -31.23 -24.33 21.11
C THR D 3 -31.71 -22.94 21.49
N GLU D 4 -30.87 -22.24 22.25
CA GLU D 4 -31.19 -20.90 22.73
C GLU D 4 -30.45 -19.85 21.91
N TYR D 5 -31.11 -18.69 21.72
CA TYR D 5 -30.57 -17.61 20.91
C TYR D 5 -30.59 -16.34 21.76
N LYS D 6 -29.40 -15.89 22.16
CA LYS D 6 -29.27 -14.68 22.95
C LYS D 6 -29.28 -13.48 22.02
N LEU D 7 -30.31 -12.64 22.15
CA LEU D 7 -30.48 -11.47 21.29
C LEU D 7 -30.34 -10.19 22.12
N VAL D 8 -29.63 -9.22 21.56
CA VAL D 8 -29.39 -7.94 22.22
C VAL D 8 -30.09 -6.85 21.41
N VAL D 9 -30.65 -5.87 22.12
CA VAL D 9 -31.35 -4.75 21.50
C VAL D 9 -30.61 -3.48 21.89
N VAL D 10 -29.89 -2.90 20.92
CA VAL D 10 -29.11 -1.70 21.16
C VAL D 10 -29.76 -0.55 20.39
N GLY D 11 -29.51 0.66 20.88
CA GLY D 11 -30.08 1.84 20.27
C GLY D 11 -29.95 3.04 21.19
N ALA D 12 -30.52 4.14 20.74
CA ALA D 12 -30.47 5.40 21.47
C ALA D 12 -31.61 5.51 22.45
N ARG D 13 -31.56 6.55 23.29
CA ARG D 13 -32.59 6.77 24.28
C ARG D 13 -33.91 7.08 23.61
N GLY D 14 -34.98 6.41 24.06
CA GLY D 14 -36.31 6.71 23.59
C GLY D 14 -36.63 6.25 22.18
N VAL D 15 -35.88 5.31 21.63
CA VAL D 15 -36.17 4.82 20.28
C VAL D 15 -37.13 3.65 20.29
N GLY D 16 -37.48 3.15 21.49
CA GLY D 16 -38.36 2.02 21.67
C GLY D 16 -37.64 0.67 21.71
N LYS D 17 -36.59 0.57 22.52
CA LYS D 17 -35.89 -0.70 22.65
C LYS D 17 -36.65 -1.59 23.62
N SER D 18 -37.01 -1.05 24.78
CA SER D 18 -37.85 -1.75 25.73
C SER D 18 -39.22 -2.08 25.13
N ALA D 19 -39.84 -1.12 24.43
CA ALA D 19 -41.18 -1.34 23.90
C ALA D 19 -41.21 -2.47 22.88
N LEU D 20 -40.15 -2.60 22.07
CA LEU D 20 -40.09 -3.69 21.09
C LEU D 20 -40.07 -5.05 21.77
N THR D 21 -39.23 -5.19 22.80
CA THR D 21 -39.16 -6.47 23.51
C THR D 21 -40.46 -6.77 24.24
N ILE D 22 -41.08 -5.75 24.84
CA ILE D 22 -42.29 -5.97 25.62
C ILE D 22 -43.40 -6.57 24.75
N GLN D 23 -43.50 -6.13 23.49
CA GLN D 23 -44.49 -6.75 22.60
C GLN D 23 -44.09 -8.16 22.18
N LEU D 24 -42.82 -8.38 21.86
CA LEU D 24 -42.41 -9.73 21.45
C LEU D 24 -42.61 -10.74 22.56
N ILE D 25 -42.45 -10.32 23.82
CA ILE D 25 -42.61 -11.22 24.95
C ILE D 25 -44.07 -11.41 25.30
N GLN D 26 -44.83 -10.31 25.42
CA GLN D 26 -46.14 -10.36 26.02
C GLN D 26 -47.30 -9.87 25.15
N ASN D 27 -47.02 -9.35 23.95
CA ASN D 27 -48.07 -8.77 23.09
C ASN D 27 -48.84 -7.70 23.87
N HIS D 28 -48.12 -6.94 24.70
CA HIS D 28 -48.72 -6.08 25.72
C HIS D 28 -47.90 -4.79 25.84
N PHE D 29 -48.03 -3.93 24.83
CA PHE D 29 -47.37 -2.62 24.85
C PHE D 29 -47.73 -1.82 26.10
N VAL D 30 -46.72 -1.24 26.71
CA VAL D 30 -46.90 -0.39 27.89
C VAL D 30 -47.64 0.87 27.52
N THR D 36 -38.56 -0.86 32.15
CA THR D 36 -38.09 0.51 32.35
C THR D 36 -36.67 0.54 32.92
N ILE D 37 -35.99 -0.60 32.82
CA ILE D 37 -34.61 -0.75 33.29
C ILE D 37 -33.93 -1.81 32.45
N GLU D 38 -32.61 -1.90 32.57
CA GLU D 38 -31.84 -2.90 31.84
C GLU D 38 -32.11 -4.28 32.42
N ASP D 39 -32.77 -5.14 31.65
CA ASP D 39 -33.12 -6.48 32.11
C ASP D 39 -33.11 -7.42 30.91
N SER D 40 -33.22 -8.72 31.21
CA SER D 40 -33.22 -9.76 30.19
C SER D 40 -34.52 -10.56 30.27
N TYR D 41 -35.11 -10.85 29.10
CA TYR D 41 -36.36 -11.57 29.00
C TYR D 41 -36.18 -12.80 28.11
N ARG D 42 -36.96 -13.84 28.39
CA ARG D 42 -36.88 -15.10 27.66
C ARG D 42 -38.27 -15.54 27.23
N LYS D 43 -38.40 -15.96 25.97
CA LYS D 43 -39.66 -16.50 25.46
C LYS D 43 -39.37 -17.61 24.46
N GLN D 44 -40.17 -18.67 24.52
CA GLN D 44 -40.07 -19.78 23.59
C GLN D 44 -41.00 -19.56 22.39
N VAL D 45 -40.42 -19.46 21.19
CA VAL D 45 -41.14 -19.16 19.97
C VAL D 45 -40.79 -20.23 18.93
N VAL D 46 -41.64 -20.34 17.91
CA VAL D 46 -41.39 -21.22 16.78
C VAL D 46 -41.06 -20.37 15.57
N ILE D 47 -39.87 -20.57 15.02
CA ILE D 47 -39.38 -19.86 13.84
C ILE D 47 -39.02 -20.90 12.80
N ASP D 48 -39.66 -20.81 11.63
CA ASP D 48 -39.43 -21.73 10.51
C ASP D 48 -39.73 -23.17 10.92
N GLY D 49 -40.82 -23.36 11.65
CA GLY D 49 -41.16 -24.70 12.13
C GLY D 49 -40.16 -25.27 13.10
N GLU D 50 -39.44 -24.43 13.83
CA GLU D 50 -38.41 -24.87 14.77
C GLU D 50 -38.60 -24.15 16.09
N THR D 51 -38.96 -24.89 17.13
CA THR D 51 -39.13 -24.34 18.46
C THR D 51 -37.76 -24.00 19.07
N CYS D 52 -37.52 -22.73 19.31
CA CYS D 52 -36.26 -22.28 19.88
C CYS D 52 -36.55 -21.30 21.01
N LEU D 53 -35.54 -21.06 21.84
CA LEU D 53 -35.69 -20.18 23.00
C LEU D 53 -35.05 -18.84 22.65
N LEU D 54 -35.77 -17.75 22.89
CA LEU D 54 -35.25 -16.41 22.65
C LEU D 54 -34.84 -15.78 23.98
N ASP D 55 -33.64 -15.20 24.01
CA ASP D 55 -33.14 -14.50 25.19
C ASP D 55 -32.86 -13.06 24.82
N ILE D 56 -33.82 -12.17 25.09
CA ILE D 56 -33.75 -10.77 24.69
C ILE D 56 -33.20 -9.96 25.85
N LEU D 57 -32.14 -9.20 25.61
CA LEU D 57 -31.54 -8.29 26.58
C LEU D 57 -31.76 -6.87 26.07
N ASP D 58 -32.64 -6.11 26.73
CA ASP D 58 -32.90 -4.73 26.35
C ASP D 58 -31.85 -3.86 27.05
N THR D 59 -30.90 -3.34 26.26
CA THR D 59 -29.88 -2.47 26.81
C THR D 59 -30.50 -1.13 27.17
N ALA D 60 -30.00 -0.54 28.26
CA ALA D 60 -30.53 0.73 28.75
C ALA D 60 -29.53 1.32 29.72
N GLY D 61 -29.80 2.56 30.13
CA GLY D 61 -28.97 3.22 31.10
C GLY D 61 -27.86 4.04 30.46
N GLN D 62 -26.97 4.51 31.32
CA GLN D 62 -25.84 5.30 30.87
C GLN D 62 -24.89 4.45 30.03
N GLU D 63 -24.07 5.13 29.23
CA GLU D 63 -23.11 4.46 28.38
C GLU D 63 -21.85 4.14 29.17
N GLU D 64 -21.33 2.92 29.00
CA GLU D 64 -20.16 2.48 29.74
C GLU D 64 -19.39 1.43 28.95
N TYR D 65 -18.06 1.58 28.94
CA TYR D 65 -17.20 0.63 28.24
C TYR D 65 -16.24 -0.07 29.20
N SER D 66 -16.80 -0.77 30.18
CA SER D 66 -16.01 -1.53 31.13
C SER D 66 -15.84 -2.97 30.65
N ALA D 67 -14.89 -3.68 31.27
CA ALA D 67 -14.69 -5.08 30.92
C ALA D 67 -15.90 -5.93 31.32
N MET D 68 -16.65 -5.49 32.33
CA MET D 68 -17.92 -6.16 32.65
C MET D 68 -18.89 -6.04 31.50
N ARG D 69 -19.23 -4.80 31.12
CA ARG D 69 -20.25 -4.57 30.11
C ARG D 69 -19.85 -5.10 28.74
N ASP D 70 -18.56 -5.06 28.41
CA ASP D 70 -18.11 -5.61 27.13
C ASP D 70 -18.42 -7.09 27.03
N GLN D 71 -17.97 -7.87 28.02
CA GLN D 71 -18.21 -9.31 27.99
C GLN D 71 -19.70 -9.66 28.13
N TYR D 72 -20.49 -8.78 28.75
CA TYR D 72 -21.92 -9.03 28.81
C TYR D 72 -22.55 -8.91 27.43
N MET D 73 -22.08 -7.94 26.63
CA MET D 73 -22.56 -7.81 25.26
C MET D 73 -21.95 -8.87 24.35
N ARG D 74 -20.74 -9.34 24.67
CA ARG D 74 -20.13 -10.42 23.89
C ARG D 74 -20.99 -11.67 23.89
N THR D 75 -21.75 -11.90 24.97
CA THR D 75 -22.53 -13.13 25.08
C THR D 75 -23.66 -13.18 24.05
N GLY D 76 -24.15 -12.03 23.61
CA GLY D 76 -25.23 -12.01 22.63
C GLY D 76 -24.78 -12.59 21.30
N GLU D 77 -25.69 -13.32 20.66
CA GLU D 77 -25.42 -13.92 19.37
C GLU D 77 -25.83 -13.04 18.20
N GLY D 78 -26.80 -12.16 18.42
CA GLY D 78 -27.24 -11.24 17.38
C GLY D 78 -27.81 -9.97 17.99
N PHE D 79 -27.79 -8.90 17.20
CA PHE D 79 -28.09 -7.57 17.68
C PHE D 79 -29.16 -6.89 16.83
N LEU D 80 -30.05 -6.17 17.50
CA LEU D 80 -31.02 -5.28 16.86
C LEU D 80 -30.53 -3.85 17.06
N CYS D 81 -30.16 -3.19 15.97
CA CYS D 81 -29.77 -1.78 16.02
C CYS D 81 -31.01 -0.95 15.71
N VAL D 82 -31.57 -0.33 16.74
CA VAL D 82 -32.88 0.30 16.67
C VAL D 82 -32.71 1.82 16.67
N PHE D 83 -33.40 2.48 15.74
CA PHE D 83 -33.48 3.93 15.70
C PHE D 83 -34.94 4.34 15.47
N ALA D 84 -35.25 5.58 15.84
CA ALA D 84 -36.57 6.15 15.61
C ALA D 84 -36.57 6.96 14.32
N ILE D 85 -37.63 6.82 13.53
CA ILE D 85 -37.70 7.49 12.24
C ILE D 85 -37.94 8.99 12.39
N ASN D 86 -38.44 9.43 13.53
CA ASN D 86 -38.65 10.86 13.80
C ASN D 86 -37.52 11.45 14.65
N ASN D 87 -36.38 10.79 14.71
CA ASN D 87 -35.20 11.31 15.40
C ASN D 87 -33.99 11.08 14.49
N THR D 88 -33.52 12.16 13.87
CA THR D 88 -32.42 12.05 12.90
C THR D 88 -31.13 11.57 13.56
N LYS D 89 -30.90 11.97 14.81
CA LYS D 89 -29.69 11.53 15.50
C LYS D 89 -29.64 10.02 15.64
N SER D 90 -30.76 9.41 16.02
CA SER D 90 -30.81 7.96 16.21
C SER D 90 -30.40 7.20 14.96
N PHE D 91 -30.67 7.76 13.76
CA PHE D 91 -30.24 7.11 12.54
C PHE D 91 -28.75 7.27 12.30
N GLU D 92 -28.21 8.46 12.53
CA GLU D 92 -26.78 8.72 12.37
C GLU D 92 -25.95 8.23 13.55
N ASP D 93 -26.58 7.67 14.58
CA ASP D 93 -25.86 7.02 15.67
C ASP D 93 -25.66 5.53 15.45
N ILE D 94 -26.41 4.94 14.51
CA ILE D 94 -26.34 3.50 14.26
C ILE D 94 -24.90 3.06 14.00
N HIS D 95 -24.11 3.94 13.37
CA HIS D 95 -22.73 3.60 13.05
C HIS D 95 -21.92 3.26 14.30
N HIS D 96 -22.15 4.01 15.39
CA HIS D 96 -21.33 3.81 16.58
C HIS D 96 -21.68 2.50 17.28
N TYR D 97 -22.97 2.14 17.29
CA TYR D 97 -23.36 0.86 17.89
C TYR D 97 -22.75 -0.31 17.14
N ARG D 98 -22.71 -0.23 15.80
CA ARG D 98 -22.11 -1.30 15.01
C ARG D 98 -20.61 -1.41 15.24
N GLU D 99 -19.93 -0.27 15.45
CA GLU D 99 -18.50 -0.32 15.76
C GLU D 99 -18.24 -1.12 17.03
N GLN D 100 -19.02 -0.84 18.08
CA GLN D 100 -18.79 -1.53 19.35
C GLN D 100 -19.21 -2.99 19.27
N ILE D 101 -20.27 -3.29 18.52
CA ILE D 101 -20.66 -4.68 18.31
C ILE D 101 -19.54 -5.46 17.65
N LYS D 102 -18.96 -4.91 16.58
CA LYS D 102 -17.86 -5.59 15.90
C LYS D 102 -16.61 -5.66 16.76
N ARG D 103 -16.45 -4.74 17.72
CA ARG D 103 -15.27 -4.76 18.58
C ARG D 103 -15.36 -5.87 19.62
N VAL D 104 -16.48 -5.95 20.35
CA VAL D 104 -16.59 -6.93 21.42
C VAL D 104 -16.70 -8.33 20.85
N LYS D 105 -17.41 -8.49 19.74
CA LYS D 105 -17.45 -9.78 19.07
C LYS D 105 -16.16 -10.09 18.33
N ASP D 106 -15.28 -9.10 18.14
CA ASP D 106 -14.02 -9.26 17.43
C ASP D 106 -14.21 -9.93 16.08
N SER D 107 -15.17 -9.38 15.32
CA SER D 107 -15.47 -9.88 13.99
C SER D 107 -16.23 -8.80 13.23
N GLU D 108 -15.92 -8.66 11.95
CA GLU D 108 -16.64 -7.74 11.08
C GLU D 108 -17.88 -8.36 10.45
N ASP D 109 -18.18 -9.63 10.77
CA ASP D 109 -19.37 -10.32 10.28
C ASP D 109 -20.10 -10.82 11.51
N VAL D 110 -21.05 -10.02 11.98
CA VAL D 110 -21.85 -10.33 13.16
C VAL D 110 -23.31 -10.27 12.74
N PRO D 111 -24.14 -11.26 13.08
CA PRO D 111 -25.57 -11.20 12.72
C PRO D 111 -26.22 -9.97 13.31
N MET D 112 -26.68 -9.09 12.42
CA MET D 112 -27.23 -7.80 12.82
C MET D 112 -28.41 -7.47 11.92
N VAL D 113 -29.23 -6.52 12.37
CA VAL D 113 -30.38 -6.07 11.59
C VAL D 113 -30.72 -4.65 11.99
N LEU D 114 -30.81 -3.76 11.00
CA LEU D 114 -31.20 -2.38 11.24
C LEU D 114 -32.71 -2.31 11.38
N VAL D 115 -33.18 -1.63 12.42
CA VAL D 115 -34.61 -1.59 12.75
C VAL D 115 -35.03 -0.13 12.87
N GLY D 116 -36.02 0.26 12.07
CA GLY D 116 -36.62 1.59 12.16
C GLY D 116 -37.96 1.57 12.86
N ASN D 117 -38.00 2.02 14.11
CA ASN D 117 -39.20 1.94 14.92
C ASN D 117 -39.98 3.25 14.86
N LYS D 118 -41.13 3.27 15.54
CA LYS D 118 -42.03 4.43 15.61
C LYS D 118 -42.57 4.80 14.23
N CYS D 119 -42.94 3.78 13.44
CA CYS D 119 -43.50 3.97 12.11
C CYS D 119 -45.01 4.18 12.13
N ASP D 120 -45.54 4.78 13.20
CA ASP D 120 -46.98 5.02 13.31
C ASP D 120 -47.29 6.49 13.59
N LEU D 121 -46.28 7.36 13.51
CA LEU D 121 -46.33 8.81 13.70
C LEU D 121 -46.34 9.51 12.35
N PRO D 122 -47.08 10.61 12.22
CA PRO D 122 -47.27 11.20 10.89
C PRO D 122 -46.04 11.92 10.36
N SER D 123 -45.23 12.53 11.21
CA SER D 123 -44.12 13.38 10.77
C SER D 123 -42.81 12.62 10.91
N ARG D 124 -42.42 11.93 9.84
CA ARG D 124 -41.15 11.20 9.78
C ARG D 124 -40.04 12.13 9.30
N THR D 125 -38.92 12.14 10.02
CA THR D 125 -37.76 12.94 9.63
C THR D 125 -36.65 12.12 9.01
N VAL D 126 -36.72 10.79 9.09
CA VAL D 126 -35.73 9.90 8.48
C VAL D 126 -36.42 9.16 7.34
N ASP D 127 -35.99 9.43 6.11
CA ASP D 127 -36.60 8.80 4.96
C ASP D 127 -36.23 7.33 4.89
N THR D 128 -37.11 6.54 4.27
CA THR D 128 -36.86 5.10 4.14
C THR D 128 -35.70 4.83 3.17
N LYS D 129 -35.46 5.74 2.22
CA LYS D 129 -34.34 5.57 1.30
C LYS D 129 -33.01 5.71 2.02
N GLN D 130 -32.94 6.58 3.03
CA GLN D 130 -31.70 6.73 3.80
C GLN D 130 -31.34 5.44 4.51
N ALA D 131 -32.34 4.74 5.05
CA ALA D 131 -32.09 3.54 5.84
C ALA D 131 -31.86 2.32 4.96
N GLN D 132 -32.32 2.35 3.71
CA GLN D 132 -32.05 1.26 2.79
C GLN D 132 -30.64 1.38 2.23
N ASP D 133 -30.19 2.61 1.98
CA ASP D 133 -28.82 2.82 1.53
C ASP D 133 -27.80 2.58 2.64
N LEU D 134 -28.20 2.75 3.90
CA LEU D 134 -27.29 2.48 5.01
C LEU D 134 -27.23 0.98 5.31
N ALA D 135 -28.38 0.33 5.43
CA ALA D 135 -28.42 -1.11 5.68
C ALA D 135 -27.81 -1.91 4.55
N ARG D 136 -27.74 -1.34 3.33
CA ARG D 136 -27.06 -2.03 2.24
C ARG D 136 -25.55 -1.97 2.43
N SER D 137 -25.03 -0.83 2.90
CA SER D 137 -23.59 -0.70 3.13
C SER D 137 -23.10 -1.62 4.23
N TYR D 138 -23.94 -1.91 5.21
CA TYR D 138 -23.58 -2.83 6.28
C TYR D 138 -23.79 -4.28 5.91
N GLY D 139 -24.51 -4.55 4.82
CA GLY D 139 -24.79 -5.93 4.43
C GLY D 139 -25.73 -6.62 5.40
N ILE D 140 -26.68 -5.89 5.95
CA ILE D 140 -27.63 -6.43 6.93
C ILE D 140 -29.05 -6.11 6.51
N PRO D 141 -30.04 -6.92 6.90
CA PRO D 141 -31.43 -6.60 6.57
C PRO D 141 -31.93 -5.37 7.33
N PHE D 142 -32.93 -4.71 6.74
CA PHE D 142 -33.60 -3.56 7.32
C PHE D 142 -35.09 -3.85 7.43
N ILE D 143 -35.69 -3.44 8.54
CA ILE D 143 -37.12 -3.65 8.78
C ILE D 143 -37.70 -2.43 9.46
N GLU D 144 -38.82 -1.92 8.92
CA GLU D 144 -39.57 -0.86 9.56
C GLU D 144 -40.55 -1.48 10.55
N THR D 145 -40.47 -1.03 11.80
CA THR D 145 -41.28 -1.57 12.89
C THR D 145 -42.10 -0.48 13.53
N SER D 146 -43.02 -0.91 14.40
CA SER D 146 -43.83 0.01 15.19
C SER D 146 -44.25 -0.74 16.44
N ALA D 147 -43.74 -0.30 17.60
CA ALA D 147 -44.03 -0.95 18.86
C ALA D 147 -45.44 -0.67 19.36
N LYS D 148 -46.20 0.17 18.66
CA LYS D 148 -47.58 0.41 19.04
C LYS D 148 -48.56 -0.51 18.32
N THR D 149 -48.27 -0.88 17.07
CA THR D 149 -49.20 -1.64 16.25
C THR D 149 -48.71 -3.04 15.91
N ARG D 150 -47.65 -3.53 16.56
CA ARG D 150 -47.06 -4.84 16.26
C ARG D 150 -46.60 -4.95 14.80
N GLN D 151 -46.47 -3.82 14.10
CA GLN D 151 -46.07 -3.82 12.70
C GLN D 151 -44.63 -4.30 12.57
N GLY D 152 -44.46 -5.52 12.06
CA GLY D 152 -43.13 -6.05 11.87
C GLY D 152 -42.35 -6.32 13.14
N VAL D 153 -43.02 -6.40 14.28
CA VAL D 153 -42.32 -6.74 15.52
C VAL D 153 -41.84 -8.18 15.49
N ASP D 154 -42.70 -9.10 15.00
CA ASP D 154 -42.25 -10.46 14.79
C ASP D 154 -41.21 -10.54 13.67
N ASP D 155 -41.38 -9.71 12.63
CA ASP D 155 -40.46 -9.76 11.51
C ASP D 155 -39.06 -9.32 11.92
N ALA D 156 -38.96 -8.27 12.75
CA ALA D 156 -37.66 -7.75 13.15
C ALA D 156 -36.88 -8.77 13.99
N PHE D 157 -37.56 -9.44 14.92
CA PHE D 157 -36.87 -10.41 15.76
C PHE D 157 -36.61 -11.72 15.02
N TYR D 158 -37.55 -12.15 14.17
CA TYR D 158 -37.39 -13.46 13.52
C TYR D 158 -36.29 -13.42 12.46
N THR D 159 -36.14 -12.29 11.76
CA THR D 159 -35.11 -12.22 10.72
C THR D 159 -33.71 -12.30 11.31
N LEU D 160 -33.52 -11.82 12.54
CA LEU D 160 -32.20 -11.90 13.18
C LEU D 160 -31.85 -13.35 13.50
N VAL D 161 -32.85 -14.15 13.91
CA VAL D 161 -32.61 -15.56 14.18
C VAL D 161 -32.18 -16.29 12.90
N ARG D 162 -32.72 -15.88 11.75
CA ARG D 162 -32.27 -16.45 10.49
C ARG D 162 -30.85 -16.04 10.16
N GLU D 163 -30.40 -14.88 10.64
CA GLU D 163 -29.03 -14.45 10.39
C GLU D 163 -28.05 -15.28 11.21
N ILE D 164 -28.43 -15.64 12.43
CA ILE D 164 -27.58 -16.47 13.27
C ILE D 164 -27.54 -17.92 12.76
N ARG D 165 -28.69 -18.44 12.30
CA ARG D 165 -28.70 -19.79 11.74
C ARG D 165 -27.93 -19.87 10.43
N LYS D 166 -27.85 -18.75 9.70
CA LYS D 166 -27.04 -18.68 8.48
C LYS D 166 -25.56 -18.63 8.83
N HIS D 167 -25.21 -17.87 9.87
CA HIS D 167 -23.84 -17.69 10.30
C HIS D 167 -23.21 -18.98 10.81
N LYS D 168 -24.03 -19.97 11.20
CA LYS D 168 -23.50 -21.21 11.75
C LYS D 168 -22.64 -21.95 10.75
N GLU D 169 -21.34 -22.01 11.03
CA GLU D 169 -20.35 -22.56 10.12
C GLU D 169 -19.97 -23.99 10.51
N MET E 1 -10.09 -13.59 2.43
CA MET E 1 -9.91 -14.01 1.05
C MET E 1 -11.24 -14.49 0.44
N ASP E 2 -11.82 -13.66 -0.42
CA ASP E 2 -13.08 -13.96 -1.08
C ASP E 2 -12.84 -14.48 -2.49
N VAL E 3 -13.78 -15.30 -2.97
CA VAL E 3 -13.73 -15.87 -4.31
C VAL E 3 -14.91 -15.36 -5.11
N PHE E 4 -14.63 -14.82 -6.29
CA PHE E 4 -15.64 -14.28 -7.20
C PHE E 4 -15.81 -15.26 -8.34
N LEU E 5 -17.06 -15.56 -8.70
CA LEU E 5 -17.34 -16.70 -9.55
C LEU E 5 -18.27 -16.34 -10.69
N MET E 6 -18.31 -17.24 -11.68
CA MET E 6 -19.27 -17.23 -12.77
C MET E 6 -19.90 -18.61 -12.79
N ILE E 7 -21.14 -18.72 -12.33
CA ILE E 7 -21.86 -19.98 -12.35
C ILE E 7 -22.61 -20.05 -13.68
N ARG E 8 -22.19 -20.96 -14.55
CA ARG E 8 -22.62 -21.01 -15.94
C ARG E 8 -23.36 -22.33 -16.20
N ARG E 9 -24.52 -22.23 -16.84
CA ARG E 9 -25.26 -23.41 -17.28
C ARG E 9 -25.99 -23.03 -18.56
N HIS E 10 -25.75 -23.80 -19.62
CA HIS E 10 -26.35 -23.52 -20.94
C HIS E 10 -26.03 -22.08 -21.34
N LYS E 11 -27.06 -21.25 -21.50
CA LYS E 11 -26.88 -19.85 -21.83
C LYS E 11 -27.20 -18.94 -20.65
N THR E 12 -27.04 -19.44 -19.43
CA THR E 12 -27.23 -18.67 -18.21
C THR E 12 -25.89 -18.47 -17.51
N THR E 13 -25.78 -17.36 -16.78
CA THR E 13 -24.53 -17.04 -16.09
C THR E 13 -24.84 -16.19 -14.85
N ILE E 14 -24.36 -16.65 -13.70
CA ILE E 14 -24.58 -15.97 -12.42
C ILE E 14 -23.27 -15.36 -11.96
N PHE E 15 -23.30 -14.06 -11.66
CA PHE E 15 -22.14 -13.35 -11.11
C PHE E 15 -22.38 -13.17 -9.62
N THR E 16 -21.73 -14.01 -8.81
CA THR E 16 -21.87 -13.95 -7.37
C THR E 16 -20.50 -14.13 -6.73
N ASP E 17 -20.45 -13.93 -5.41
CA ASP E 17 -19.23 -14.06 -4.64
C ASP E 17 -19.45 -15.00 -3.47
N ALA E 18 -18.35 -15.55 -2.96
CA ALA E 18 -18.40 -16.46 -1.84
C ALA E 18 -17.01 -16.57 -1.22
N LYS E 19 -16.99 -16.80 0.09
CA LYS E 19 -15.72 -16.94 0.79
C LYS E 19 -15.04 -18.26 0.43
N GLU E 20 -13.70 -18.27 0.54
CA GLU E 20 -12.93 -19.45 0.19
C GLU E 20 -13.19 -20.61 1.14
N SER E 21 -13.69 -20.32 2.34
CA SER E 21 -14.03 -21.35 3.32
C SER E 21 -15.47 -21.85 3.16
N SER E 22 -16.21 -21.32 2.20
CA SER E 22 -17.59 -21.76 1.98
C SER E 22 -17.61 -23.14 1.35
N THR E 23 -18.68 -23.87 1.62
CA THR E 23 -18.80 -25.26 1.18
C THR E 23 -19.36 -25.31 -0.23
N VAL E 24 -19.05 -26.40 -0.93
CA VAL E 24 -19.70 -26.66 -2.21
C VAL E 24 -21.22 -26.67 -2.03
N PHE E 25 -21.67 -27.28 -0.94
CA PHE E 25 -23.10 -27.24 -0.61
C PHE E 25 -23.58 -25.83 -0.32
N GLU E 26 -22.78 -25.04 0.39
CA GLU E 26 -23.16 -23.67 0.69
C GLU E 26 -23.37 -22.86 -0.58
N LEU E 27 -22.54 -23.08 -1.60
CA LEU E 27 -22.74 -22.41 -2.87
C LEU E 27 -24.02 -22.88 -3.56
N LYS E 28 -24.37 -24.16 -3.42
CA LYS E 28 -25.61 -24.66 -3.99
C LYS E 28 -26.83 -24.05 -3.33
N ARG E 29 -26.71 -23.62 -2.07
CA ARG E 29 -27.82 -22.93 -1.42
C ARG E 29 -28.00 -21.53 -1.99
N ILE E 30 -26.93 -20.90 -2.47
CA ILE E 30 -27.04 -19.59 -3.09
C ILE E 30 -27.71 -19.70 -4.46
N VAL E 31 -27.35 -20.73 -5.23
CA VAL E 31 -27.99 -20.97 -6.51
C VAL E 31 -29.49 -21.19 -6.32
N GLU E 32 -29.87 -21.88 -5.25
CA GLU E 32 -31.29 -22.08 -4.97
C GLU E 32 -32.02 -20.76 -4.75
N GLY E 33 -31.36 -19.82 -4.08
CA GLY E 33 -31.93 -18.50 -3.88
C GLY E 33 -32.02 -17.64 -5.12
N ILE E 34 -31.56 -18.15 -6.26
CA ILE E 34 -31.57 -17.38 -7.51
C ILE E 34 -32.43 -18.06 -8.57
N LEU E 35 -32.09 -19.32 -8.89
CA LEU E 35 -32.81 -20.05 -9.93
C LEU E 35 -33.94 -20.92 -9.40
N LYS E 36 -34.16 -20.93 -8.09
CA LYS E 36 -35.27 -21.67 -7.46
C LYS E 36 -35.22 -23.16 -7.79
N ARG E 37 -34.07 -23.78 -7.50
CA ARG E 37 -33.90 -25.23 -7.62
C ARG E 37 -33.10 -25.68 -6.40
N PRO E 38 -33.55 -26.72 -5.70
CA PRO E 38 -32.87 -27.14 -4.47
C PRO E 38 -31.49 -27.70 -4.77
N PRO E 39 -30.61 -27.76 -3.75
CA PRO E 39 -29.27 -28.33 -3.99
C PRO E 39 -29.30 -29.82 -4.32
N ASP E 40 -30.39 -30.52 -4.00
CA ASP E 40 -30.52 -31.91 -4.42
C ASP E 40 -30.68 -32.03 -5.93
N GLU E 41 -31.13 -30.97 -6.60
CA GLU E 41 -31.27 -30.96 -8.05
C GLU E 41 -30.17 -30.13 -8.72
N GLN E 42 -29.04 -29.95 -8.06
CA GLN E 42 -27.92 -29.20 -8.59
C GLN E 42 -26.67 -30.08 -8.67
N ARG E 43 -25.80 -29.77 -9.62
CA ARG E 43 -24.54 -30.48 -9.82
C ARG E 43 -23.50 -29.46 -10.25
N LEU E 44 -22.62 -29.07 -9.34
CA LEU E 44 -21.60 -28.08 -9.64
C LEU E 44 -20.37 -28.77 -10.22
N TYR E 45 -19.77 -28.11 -11.22
CA TYR E 45 -18.57 -28.60 -11.87
C TYR E 45 -17.54 -27.48 -11.94
N LYS E 46 -16.30 -27.81 -11.57
CA LYS E 46 -15.16 -26.95 -11.83
C LYS E 46 -14.41 -27.58 -13.00
N ASP E 47 -14.53 -26.96 -14.18
CA ASP E 47 -14.09 -27.58 -15.42
C ASP E 47 -14.85 -28.89 -15.62
N ASP E 48 -14.16 -30.03 -15.52
CA ASP E 48 -14.77 -31.34 -15.70
C ASP E 48 -14.61 -32.21 -14.46
N GLN E 49 -14.84 -31.63 -13.28
CA GLN E 49 -14.79 -32.38 -12.02
C GLN E 49 -16.03 -32.07 -11.21
N LEU E 50 -16.79 -33.10 -10.87
CA LEU E 50 -17.98 -32.93 -10.05
C LEU E 50 -17.56 -32.62 -8.62
N LEU E 51 -18.02 -31.50 -8.09
CA LEU E 51 -17.62 -31.09 -6.75
C LEU E 51 -18.41 -31.85 -5.69
N ASP E 52 -17.68 -32.46 -4.76
CA ASP E 52 -18.32 -33.12 -3.64
C ASP E 52 -18.94 -32.06 -2.72
N ASP E 53 -20.16 -32.31 -2.27
CA ASP E 53 -20.91 -31.31 -1.52
C ASP E 53 -20.32 -31.02 -0.15
N GLY E 54 -19.37 -31.81 0.33
CA GLY E 54 -18.84 -31.61 1.67
C GLY E 54 -17.58 -30.77 1.71
N LYS E 55 -16.89 -30.66 0.57
CA LYS E 55 -15.65 -29.92 0.52
C LYS E 55 -15.91 -28.42 0.46
N THR E 56 -14.94 -27.64 0.94
CA THR E 56 -15.00 -26.20 0.85
C THR E 56 -14.44 -25.73 -0.49
N LEU E 57 -14.75 -24.48 -0.85
CA LEU E 57 -14.31 -23.93 -2.13
C LEU E 57 -12.80 -23.91 -2.25
N GLY E 58 -12.10 -23.67 -1.14
CA GLY E 58 -10.65 -23.73 -1.17
C GLY E 58 -10.11 -25.13 -1.40
N GLU E 59 -10.80 -26.13 -0.87
CA GLU E 59 -10.42 -27.54 -1.08
C GLU E 59 -10.61 -28.00 -2.52
N CYS E 60 -11.12 -27.13 -3.41
CA CYS E 60 -11.36 -27.49 -4.80
C CYS E 60 -10.46 -26.75 -5.78
N GLY E 61 -9.56 -25.89 -5.29
CA GLY E 61 -8.68 -25.13 -6.16
C GLY E 61 -9.05 -23.67 -6.35
N PHE E 62 -10.16 -23.22 -5.76
CA PHE E 62 -10.59 -21.83 -5.87
C PHE E 62 -9.89 -20.99 -4.81
N THR E 63 -9.04 -20.06 -5.26
CA THR E 63 -8.39 -19.11 -4.39
C THR E 63 -8.67 -17.69 -4.89
N SER E 64 -8.51 -16.72 -4.00
CA SER E 64 -8.73 -15.32 -4.36
C SER E 64 -7.74 -14.82 -5.39
N GLN E 65 -6.67 -15.59 -5.65
CA GLN E 65 -5.68 -15.21 -6.65
C GLN E 65 -6.15 -15.56 -8.07
N THR E 66 -6.84 -16.69 -8.21
CA THR E 66 -7.35 -17.13 -9.50
C THR E 66 -8.79 -16.68 -9.76
N ALA E 67 -9.45 -16.08 -8.77
CA ALA E 67 -10.84 -15.67 -8.91
C ALA E 67 -11.03 -14.24 -8.41
N ARG E 68 -10.35 -13.31 -9.09
CA ARG E 68 -10.50 -11.90 -8.76
C ARG E 68 -11.84 -11.41 -9.31
N PRO E 69 -12.38 -10.30 -8.76
CA PRO E 69 -13.68 -9.83 -9.25
C PRO E 69 -13.66 -9.35 -10.68
N GLN E 70 -12.52 -8.87 -11.17
CA GLN E 70 -12.39 -8.46 -12.56
C GLN E 70 -12.04 -9.62 -13.50
N ALA E 71 -12.01 -10.85 -12.98
CA ALA E 71 -11.78 -12.04 -13.79
C ALA E 71 -12.22 -13.28 -13.01
N PRO E 72 -13.53 -13.48 -12.81
CA PRO E 72 -13.98 -14.58 -11.96
C PRO E 72 -13.81 -15.95 -12.63
N ALA E 73 -13.81 -16.98 -11.80
CA ALA E 73 -13.64 -18.35 -12.25
C ALA E 73 -14.98 -18.97 -12.61
N THR E 74 -14.96 -19.87 -13.59
CA THR E 74 -16.18 -20.49 -14.09
C THR E 74 -16.50 -21.76 -13.30
N VAL E 75 -17.77 -21.91 -12.93
CA VAL E 75 -18.27 -23.09 -12.23
C VAL E 75 -19.39 -23.67 -13.07
N GLY E 76 -19.18 -24.87 -13.61
CA GLY E 76 -20.21 -25.52 -14.38
C GLY E 76 -21.41 -25.91 -13.53
N LEU E 77 -22.59 -25.90 -14.16
CA LEU E 77 -23.83 -26.18 -13.47
C LEU E 77 -24.69 -27.12 -14.30
N ALA E 78 -25.23 -28.14 -13.64
CA ALA E 78 -26.16 -29.09 -14.26
C ALA E 78 -27.37 -29.24 -13.37
N PHE E 79 -28.56 -29.18 -13.97
CA PHE E 79 -29.81 -29.37 -13.24
C PHE E 79 -30.30 -30.80 -13.40
N ARG E 80 -31.39 -31.10 -12.68
CA ARG E 80 -31.98 -32.43 -12.66
C ARG E 80 -33.30 -32.35 -13.43
N ALA E 81 -33.36 -33.05 -14.57
CA ALA E 81 -34.56 -32.99 -15.40
C ALA E 81 -35.77 -33.55 -14.66
N ASP E 82 -35.65 -34.77 -14.12
CA ASP E 82 -36.71 -35.36 -13.31
C ASP E 82 -36.09 -36.28 -12.28
N ASP E 83 -35.71 -37.49 -12.70
CA ASP E 83 -35.04 -38.44 -11.81
C ASP E 83 -33.52 -38.41 -11.93
N THR E 84 -32.99 -38.08 -13.11
CA THR E 84 -31.57 -38.06 -13.36
C THR E 84 -31.13 -36.64 -13.71
N PHE E 85 -29.83 -36.41 -13.62
CA PHE E 85 -29.21 -35.11 -13.84
C PHE E 85 -28.95 -34.89 -15.34
N GLU E 86 -28.76 -33.62 -15.70
CA GLU E 86 -28.46 -33.26 -17.08
C GLU E 86 -26.99 -33.52 -17.38
N ALA E 87 -26.62 -33.31 -18.64
CA ALA E 87 -25.22 -33.34 -19.04
C ALA E 87 -24.68 -31.92 -19.03
N LEU E 88 -23.50 -31.73 -18.43
CA LEU E 88 -22.92 -30.40 -18.33
C LEU E 88 -22.66 -29.84 -19.73
N CYS E 89 -23.29 -28.71 -20.04
CA CYS E 89 -23.16 -28.11 -21.37
C CYS E 89 -23.19 -26.60 -21.19
N ILE E 90 -22.05 -25.94 -21.36
CA ILE E 90 -21.94 -24.49 -21.26
C ILE E 90 -21.74 -23.93 -22.66
N GLU E 91 -22.65 -23.04 -23.06
CA GLU E 91 -22.57 -22.45 -24.40
C GLU E 91 -21.54 -21.34 -24.42
N PRO E 92 -20.68 -21.29 -25.43
CA PRO E 92 -19.64 -20.25 -25.47
C PRO E 92 -20.22 -18.87 -25.77
N PHE E 93 -19.46 -17.85 -25.39
CA PHE E 93 -19.82 -16.47 -25.66
C PHE E 93 -19.50 -16.11 -27.11
N SER E 94 -19.77 -14.86 -27.47
CA SER E 94 -19.47 -14.36 -28.81
C SER E 94 -17.98 -14.17 -29.00
N SER E 95 -17.57 -14.04 -30.26
CA SER E 95 -16.16 -13.82 -30.55
C SER E 95 -15.88 -12.37 -30.89
N PRO E 96 -14.79 -11.80 -30.38
CA PRO E 96 -14.40 -10.44 -30.78
C PRO E 96 -13.90 -10.43 -32.22
N PRO E 97 -14.02 -9.32 -32.92
CA PRO E 97 -13.52 -9.27 -34.29
C PRO E 97 -12.00 -9.22 -34.31
N GLU E 98 -11.45 -9.49 -35.49
CA GLU E 98 -9.99 -9.47 -35.64
C GLU E 98 -9.46 -8.09 -35.32
N LEU E 99 -8.25 -8.06 -34.75
CA LEU E 99 -7.66 -6.80 -34.30
C LEU E 99 -7.46 -5.88 -35.50
N PRO E 100 -8.07 -4.69 -35.50
CA PRO E 100 -7.85 -3.76 -36.62
C PRO E 100 -6.39 -3.38 -36.75
N ASP E 101 -5.98 -3.12 -38.00
CA ASP E 101 -4.59 -2.81 -38.29
C ASP E 101 -4.15 -1.51 -37.63
N VAL E 102 -5.10 -0.63 -37.31
CA VAL E 102 -4.78 0.65 -36.68
C VAL E 102 -4.32 0.49 -35.23
N MET E 103 -4.64 -0.64 -34.59
CA MET E 103 -4.29 -0.87 -33.20
C MET E 103 -3.15 -1.88 -33.06
N LYS E 104 -2.20 -1.83 -34.00
CA LYS E 104 -1.01 -2.66 -33.98
C LYS E 104 -1.35 -4.13 -34.22
N MET F 2 -31.78 -9.20 -4.26
CA MET F 2 -32.42 -8.83 -5.52
C MET F 2 -31.47 -8.95 -6.71
N TYR F 3 -31.88 -9.73 -7.70
CA TYR F 3 -31.09 -9.95 -8.91
C TYR F 3 -31.88 -9.46 -10.12
N VAL F 4 -31.17 -8.85 -11.07
CA VAL F 4 -31.75 -8.47 -12.34
C VAL F 4 -31.18 -9.39 -13.42
N LYS F 5 -31.82 -9.39 -14.58
CA LYS F 5 -31.45 -10.27 -15.69
C LYS F 5 -31.03 -9.43 -16.88
N LEU F 6 -29.86 -9.72 -17.42
CA LEU F 6 -29.30 -9.01 -18.56
C LEU F 6 -29.11 -10.00 -19.70
N ILE F 7 -29.88 -9.81 -20.78
CA ILE F 7 -29.84 -10.69 -21.94
C ILE F 7 -29.06 -9.99 -23.04
N SER F 8 -28.11 -10.71 -23.66
CA SER F 8 -27.30 -10.16 -24.73
C SER F 8 -28.02 -10.33 -26.06
N SER F 9 -27.32 -10.03 -27.15
CA SER F 9 -27.92 -10.13 -28.48
C SER F 9 -28.05 -11.56 -28.97
N ASP F 10 -27.28 -12.50 -28.41
CA ASP F 10 -27.32 -13.89 -28.82
C ASP F 10 -27.97 -14.79 -27.77
N GLY F 11 -28.82 -14.23 -26.91
CA GLY F 11 -29.59 -15.03 -25.99
C GLY F 11 -28.90 -15.44 -24.71
N HIS F 12 -27.72 -14.90 -24.42
CA HIS F 12 -27.02 -15.21 -23.18
C HIS F 12 -27.58 -14.35 -22.05
N GLU F 13 -28.06 -15.00 -21.00
CA GLU F 13 -28.69 -14.34 -19.87
C GLU F 13 -27.71 -14.28 -18.70
N PHE F 14 -27.46 -13.07 -18.21
CA PHE F 14 -26.52 -12.83 -17.12
C PHE F 14 -27.29 -12.37 -15.89
N ILE F 15 -27.17 -13.13 -14.81
CA ILE F 15 -27.81 -12.79 -13.54
C ILE F 15 -26.80 -12.03 -12.69
N VAL F 16 -27.16 -10.81 -12.29
CA VAL F 16 -26.28 -9.95 -11.52
C VAL F 16 -27.11 -9.19 -10.49
N LYS F 17 -26.48 -8.84 -9.38
CA LYS F 17 -27.14 -8.15 -8.28
C LYS F 17 -27.65 -6.78 -8.72
N ARG F 18 -28.71 -6.31 -8.06
CA ARG F 18 -29.32 -5.04 -8.46
C ARG F 18 -28.37 -3.87 -8.22
N GLU F 19 -27.75 -3.83 -7.04
CA GLU F 19 -26.78 -2.78 -6.74
C GLU F 19 -25.59 -2.83 -7.68
N HIS F 20 -25.34 -3.99 -8.30
CA HIS F 20 -24.27 -4.08 -9.29
C HIS F 20 -24.71 -3.54 -10.65
N ALA F 21 -25.94 -3.84 -11.07
CA ALA F 21 -26.43 -3.39 -12.37
C ALA F 21 -26.88 -1.94 -12.37
N LEU F 22 -27.27 -1.38 -11.21
CA LEU F 22 -27.62 0.04 -11.17
C LEU F 22 -26.43 0.95 -11.40
N THR F 23 -25.21 0.39 -11.43
CA THR F 23 -24.06 1.19 -11.83
C THR F 23 -24.28 1.79 -13.21
N SER F 24 -24.88 1.02 -14.11
CA SER F 24 -25.22 1.52 -15.44
C SER F 24 -26.42 2.46 -15.35
N GLY F 25 -26.24 3.70 -15.80
CA GLY F 25 -27.34 4.65 -15.82
C GLY F 25 -28.45 4.26 -16.78
N THR F 26 -28.09 3.56 -17.86
CA THR F 26 -29.11 3.11 -18.81
C THR F 26 -29.94 1.98 -18.22
N ILE F 27 -29.28 1.02 -17.56
CA ILE F 27 -30.01 -0.06 -16.90
C ILE F 27 -30.84 0.50 -15.75
N LYS F 28 -30.35 1.56 -15.10
CA LYS F 28 -31.10 2.16 -13.99
C LYS F 28 -32.43 2.74 -14.46
N ALA F 29 -32.42 3.41 -15.62
CA ALA F 29 -33.65 4.02 -16.12
C ALA F 29 -34.63 2.98 -16.64
N MET F 30 -34.12 1.86 -17.16
CA MET F 30 -34.96 0.80 -17.71
C MET F 30 -35.69 0.02 -16.63
N LEU F 31 -35.42 0.28 -15.36
CA LEU F 31 -36.10 -0.39 -14.26
C LEU F 31 -36.89 0.56 -13.38
N SER F 32 -36.85 1.86 -13.65
CA SER F 32 -37.68 2.83 -12.92
C SER F 32 -39.05 2.96 -13.58
N THR F 42 -40.10 -3.25 -13.88
CA THR F 42 -39.59 -4.49 -14.46
C THR F 42 -38.21 -4.82 -13.89
N ASN F 43 -37.77 -6.05 -14.13
CA ASN F 43 -36.48 -6.53 -13.64
C ASN F 43 -35.60 -7.18 -14.71
N GLU F 44 -36.09 -7.35 -15.93
CA GLU F 44 -35.33 -7.97 -17.01
C GLU F 44 -35.04 -6.94 -18.08
N VAL F 45 -33.79 -6.93 -18.54
CA VAL F 45 -33.31 -5.96 -19.52
C VAL F 45 -32.75 -6.72 -20.72
N ASN F 46 -33.20 -6.35 -21.92
CA ASN F 46 -32.77 -6.98 -23.16
C ASN F 46 -31.83 -6.06 -23.92
N PHE F 47 -30.90 -6.66 -24.66
CA PHE F 47 -29.97 -5.91 -25.49
C PHE F 47 -29.89 -6.53 -26.88
N ARG F 48 -30.11 -5.68 -27.90
CA ARG F 48 -30.17 -6.14 -29.27
C ARG F 48 -28.84 -6.02 -30.00
N GLU F 49 -27.94 -5.15 -29.55
CA GLU F 49 -26.71 -4.86 -30.28
C GLU F 49 -25.46 -5.00 -29.43
N ILE F 50 -25.57 -5.52 -28.21
CA ILE F 50 -24.45 -5.82 -27.34
C ILE F 50 -24.24 -7.33 -27.33
N PRO F 51 -23.14 -7.85 -27.87
CA PRO F 51 -22.95 -9.31 -27.90
C PRO F 51 -22.68 -9.91 -26.52
N SER F 52 -22.53 -11.23 -26.46
CA SER F 52 -22.40 -11.90 -25.17
C SER F 52 -21.02 -11.70 -24.54
N HIS F 53 -19.95 -11.80 -25.33
CA HIS F 53 -18.61 -11.66 -24.79
C HIS F 53 -18.32 -10.24 -24.32
N VAL F 54 -19.14 -9.27 -24.73
CA VAL F 54 -19.00 -7.90 -24.25
C VAL F 54 -19.84 -7.68 -23.00
N LEU F 55 -21.08 -8.18 -22.99
CA LEU F 55 -21.92 -8.06 -21.82
C LEU F 55 -21.35 -8.85 -20.65
N SER F 56 -20.65 -9.95 -20.93
CA SER F 56 -19.95 -10.68 -19.86
C SER F 56 -18.85 -9.83 -19.26
N LYS F 57 -18.20 -9.00 -20.08
CA LYS F 57 -17.16 -8.11 -19.57
C LYS F 57 -17.77 -6.97 -18.76
N VAL F 58 -18.92 -6.44 -19.19
CA VAL F 58 -19.57 -5.37 -18.46
C VAL F 58 -20.01 -5.85 -17.09
N CYS F 59 -20.57 -7.06 -17.02
CA CYS F 59 -20.94 -7.63 -15.72
C CYS F 59 -19.73 -7.80 -14.82
N MET F 60 -18.56 -8.10 -15.41
CA MET F 60 -17.33 -8.17 -14.62
C MET F 60 -16.91 -6.79 -14.13
N TYR F 61 -17.17 -5.74 -14.92
CA TYR F 61 -16.91 -4.39 -14.42
C TYR F 61 -17.84 -4.03 -13.27
N PHE F 62 -19.07 -4.53 -13.30
CA PHE F 62 -20.00 -4.26 -12.20
C PHE F 62 -19.48 -4.86 -10.90
N THR F 63 -18.97 -6.08 -10.95
CA THR F 63 -18.37 -6.69 -9.76
C THR F 63 -17.14 -5.90 -9.32
N TYR F 64 -16.27 -5.56 -10.27
CA TYR F 64 -15.08 -4.77 -9.96
C TYR F 64 -15.44 -3.42 -9.38
N LYS F 65 -16.51 -2.80 -9.91
CA LYS F 65 -16.91 -1.48 -9.44
C LYS F 65 -17.34 -1.54 -7.97
N VAL F 66 -18.37 -2.33 -7.67
CA VAL F 66 -18.93 -2.35 -6.33
C VAL F 66 -17.92 -2.87 -5.31
N ARG F 67 -16.99 -3.74 -5.73
CA ARG F 67 -16.04 -4.31 -4.79
C ARG F 67 -15.01 -3.28 -4.34
N TYR F 68 -14.53 -2.43 -5.26
CA TYR F 68 -13.44 -1.52 -4.98
C TYR F 68 -13.86 -0.05 -5.00
N THR F 69 -15.15 0.24 -5.11
CA THR F 69 -15.58 1.64 -5.26
C THR F 69 -15.22 2.48 -4.05
N ASN F 70 -15.20 1.88 -2.86
CA ASN F 70 -14.83 2.59 -1.64
C ASN F 70 -13.65 1.91 -0.93
N SER F 71 -12.90 1.06 -1.63
CA SER F 71 -11.75 0.41 -1.02
C SER F 71 -10.75 1.47 -0.56
N SER F 72 -10.30 1.36 0.68
CA SER F 72 -9.40 2.35 1.25
C SER F 72 -7.94 2.10 0.89
N THR F 73 -7.61 0.88 0.45
CA THR F 73 -6.25 0.53 0.08
C THR F 73 -6.07 0.70 -1.43
N GLU F 74 -5.03 0.11 -1.99
CA GLU F 74 -4.79 0.23 -3.42
C GLU F 74 -5.82 -0.58 -4.20
N ILE F 75 -6.04 -0.17 -5.44
CA ILE F 75 -7.07 -0.74 -6.30
C ILE F 75 -6.37 -1.33 -7.51
N PRO F 76 -6.69 -2.56 -7.92
CA PRO F 76 -6.09 -3.12 -9.13
C PRO F 76 -6.61 -2.39 -10.37
N GLU F 77 -5.81 -2.46 -11.43
CA GLU F 77 -6.22 -1.90 -12.70
C GLU F 77 -7.27 -2.79 -13.35
N PHE F 78 -8.22 -2.17 -14.06
CA PHE F 78 -9.22 -2.94 -14.77
C PHE F 78 -8.65 -3.42 -16.10
N PRO F 79 -8.45 -4.73 -16.26
CA PRO F 79 -7.82 -5.22 -17.48
C PRO F 79 -8.79 -5.25 -18.65
N ILE F 80 -8.32 -4.76 -19.80
CA ILE F 80 -9.09 -4.75 -21.04
C ILE F 80 -8.16 -5.21 -22.15
N ALA F 81 -8.50 -6.33 -22.79
CA ALA F 81 -7.66 -6.84 -23.85
C ALA F 81 -7.85 -5.99 -25.10
N PRO F 82 -6.79 -5.87 -25.92
CA PRO F 82 -6.92 -5.07 -27.15
C PRO F 82 -8.02 -5.54 -28.08
N GLU F 83 -8.32 -6.84 -28.11
CA GLU F 83 -9.33 -7.35 -29.02
C GLU F 83 -10.76 -7.00 -28.59
N ILE F 84 -10.95 -6.64 -27.32
CA ILE F 84 -12.28 -6.29 -26.82
C ILE F 84 -12.47 -4.78 -26.64
N ALA F 85 -11.38 -4.00 -26.63
CA ALA F 85 -11.45 -2.60 -26.21
C ALA F 85 -12.47 -1.81 -27.03
N LEU F 86 -12.54 -2.04 -28.35
CA LEU F 86 -13.41 -1.24 -29.19
C LEU F 86 -14.88 -1.59 -28.96
N GLU F 87 -15.19 -2.88 -28.92
CA GLU F 87 -16.57 -3.30 -28.67
C GLU F 87 -17.01 -2.91 -27.27
N LEU F 88 -16.09 -2.96 -26.30
CA LEU F 88 -16.42 -2.62 -24.93
C LEU F 88 -16.69 -1.13 -24.77
N LEU F 89 -15.94 -0.29 -25.50
CA LEU F 89 -16.15 1.15 -25.41
C LEU F 89 -17.53 1.56 -25.91
N MET F 90 -18.03 0.88 -26.95
CA MET F 90 -19.37 1.17 -27.44
C MET F 90 -20.44 0.76 -26.42
N ALA F 91 -20.26 -0.40 -25.80
CA ALA F 91 -21.21 -0.83 -24.78
C ALA F 91 -21.16 0.09 -23.56
N ALA F 92 -19.96 0.54 -23.19
CA ALA F 92 -19.85 1.46 -22.06
C ALA F 92 -20.49 2.80 -22.35
N ASN F 93 -20.48 3.24 -23.62
CA ASN F 93 -21.11 4.50 -23.97
C ASN F 93 -22.63 4.38 -23.97
N PHE F 94 -23.16 3.30 -24.54
CA PHE F 94 -24.60 3.12 -24.60
C PHE F 94 -25.19 2.87 -23.23
N LEU F 95 -24.44 2.22 -22.34
CA LEU F 95 -24.93 1.85 -21.03
C LEU F 95 -24.80 2.95 -19.97
N ASP F 96 -23.97 3.97 -20.21
CA ASP F 96 -23.76 5.07 -19.27
C ASP F 96 -23.30 4.52 -17.91
N CYS F 97 -22.08 3.97 -17.92
CA CYS F 97 -21.50 3.40 -16.72
C CYS F 97 -20.01 3.69 -16.63
N ARG G 9 -9.38 35.73 -4.14
CA ARG G 9 -8.65 34.47 -4.09
C ARG G 9 -9.60 33.28 -4.20
N PRO G 10 -9.23 32.28 -5.01
CA PRO G 10 -10.09 31.10 -5.16
C PRO G 10 -10.13 30.25 -3.90
N VAL G 11 -10.89 29.16 -3.93
CA VAL G 11 -11.10 28.35 -2.75
C VAL G 11 -10.19 27.12 -2.76
N LEU G 12 -9.92 26.58 -3.95
CA LEU G 12 -8.99 25.46 -4.05
C LEU G 12 -7.59 26.05 -4.16
N ARG G 13 -6.98 26.29 -3.01
CA ARG G 13 -5.65 26.87 -2.93
C ARG G 13 -5.00 26.46 -1.63
N SER G 14 -3.67 26.58 -1.57
CA SER G 14 -2.96 26.37 -0.32
C SER G 14 -2.96 27.65 0.51
N VAL G 15 -2.98 27.49 1.81
CA VAL G 15 -2.86 28.61 2.75
C VAL G 15 -1.38 28.79 3.09
N ASN G 16 -0.95 30.06 3.18
CA ASN G 16 0.44 30.37 3.49
C ASN G 16 0.64 30.33 5.02
N SER G 17 0.67 29.11 5.55
CA SER G 17 0.79 28.91 6.99
C SER G 17 2.23 29.03 7.46
N ARG G 18 3.19 28.66 6.62
CA ARG G 18 4.62 28.69 6.93
C ARG G 18 4.99 27.77 8.11
N GLU G 19 4.16 26.78 8.40
CA GLU G 19 4.47 25.79 9.43
C GLU G 19 4.79 24.45 8.77
N PRO G 20 6.01 23.95 8.91
CA PRO G 20 6.40 22.72 8.22
C PRO G 20 5.62 21.51 8.72
N SER G 21 5.53 20.50 7.85
CA SER G 21 4.84 19.26 8.19
C SER G 21 5.35 18.16 7.25
N GLN G 22 6.07 17.20 7.81
CA GLN G 22 6.65 16.13 6.99
C GLN G 22 5.55 15.17 6.53
N VAL G 23 5.56 14.86 5.23
CA VAL G 23 4.55 14.03 4.60
C VAL G 23 5.25 12.92 3.82
N ILE G 24 4.56 11.78 3.67
CA ILE G 24 5.06 10.64 2.92
C ILE G 24 4.15 10.39 1.72
N PHE G 25 4.70 10.54 0.52
CA PHE G 25 4.01 10.14 -0.70
C PHE G 25 4.27 8.66 -0.95
N CYS G 26 3.24 7.96 -1.44
CA CYS G 26 3.35 6.53 -1.73
C CYS G 26 2.52 6.22 -2.96
N ASN G 27 3.19 5.89 -4.06
CA ASN G 27 2.51 5.55 -5.32
C ASN G 27 2.17 4.07 -5.28
N ARG G 28 1.02 3.75 -4.71
CA ARG G 28 0.53 2.37 -4.70
C ARG G 28 -0.32 2.06 -5.94
N SER G 29 -0.21 2.85 -6.99
CA SER G 29 -0.84 2.71 -8.29
C SER G 29 0.17 2.21 -9.32
N PRO G 30 -0.27 1.43 -10.31
CA PRO G 30 0.66 1.01 -11.38
C PRO G 30 1.03 2.12 -12.34
N ARG G 31 0.52 3.33 -12.15
CA ARG G 31 0.86 4.46 -13.01
C ARG G 31 2.01 5.27 -12.40
N VAL G 32 2.59 6.13 -13.23
CA VAL G 32 3.58 7.08 -12.76
C VAL G 32 2.86 8.30 -12.21
N VAL G 33 3.04 8.58 -10.92
CA VAL G 33 2.27 9.60 -10.24
C VAL G 33 2.98 10.95 -10.35
N LEU G 34 2.22 11.97 -10.68
CA LEU G 34 2.73 13.35 -10.77
C LEU G 34 2.15 14.16 -9.63
N PRO G 35 2.92 14.47 -8.59
CA PRO G 35 2.39 15.33 -7.52
C PRO G 35 2.08 16.72 -8.05
N VAL G 36 0.84 17.16 -7.82
CA VAL G 36 0.37 18.45 -8.31
C VAL G 36 -0.03 19.27 -7.10
N TRP G 37 0.74 20.32 -6.82
CA TRP G 37 0.49 21.20 -5.69
C TRP G 37 -0.23 22.46 -6.16
N LEU G 38 -1.30 22.83 -5.47
CA LEU G 38 -2.02 24.06 -5.76
C LEU G 38 -1.50 25.16 -4.85
N ASN G 39 -0.87 26.16 -5.46
CA ASN G 39 -0.20 27.23 -4.73
C ASN G 39 -1.23 28.17 -4.11
N PHE G 40 -0.74 29.29 -3.57
CA PHE G 40 -1.58 30.24 -2.84
C PHE G 40 -2.51 31.03 -3.76
N ASP G 41 -2.34 30.95 -5.08
CA ASP G 41 -3.26 31.57 -6.02
C ASP G 41 -4.20 30.57 -6.66
N GLY G 42 -4.04 29.28 -6.38
CA GLY G 42 -4.91 28.26 -6.92
C GLY G 42 -4.43 27.63 -8.21
N GLU G 43 -3.20 27.93 -8.65
CA GLU G 43 -2.64 27.41 -9.88
C GLU G 43 -1.86 26.11 -9.61
N PRO G 44 -1.95 25.14 -10.52
CA PRO G 44 -1.28 23.84 -10.32
C PRO G 44 0.21 23.92 -10.60
N GLN G 45 1.01 23.52 -9.61
CA GLN G 45 2.46 23.51 -9.71
C GLN G 45 2.96 22.07 -9.75
N PRO G 46 3.57 21.62 -10.84
CA PRO G 46 4.05 20.23 -10.89
C PRO G 46 5.27 20.01 -10.02
N TYR G 47 5.49 18.73 -9.66
CA TYR G 47 6.61 18.32 -8.82
C TYR G 47 7.22 17.04 -9.38
N PRO G 48 8.41 16.65 -8.93
CA PRO G 48 9.03 15.42 -9.47
C PRO G 48 8.12 14.20 -9.31
N THR G 49 8.06 13.39 -10.36
CA THR G 49 7.13 12.27 -10.42
C THR G 49 7.57 11.14 -9.51
N LEU G 50 6.67 10.17 -9.35
CA LEU G 50 6.91 8.97 -8.55
C LEU G 50 6.73 7.73 -9.43
N PRO G 51 7.74 6.89 -9.56
CA PRO G 51 7.57 5.63 -10.30
C PRO G 51 6.60 4.71 -9.58
N PRO G 52 6.01 3.74 -10.27
CA PRO G 52 5.01 2.87 -9.63
C PRO G 52 5.61 2.05 -8.50
N GLY G 53 5.11 2.29 -7.29
CA GLY G 53 5.54 1.54 -6.13
C GLY G 53 6.67 2.14 -5.32
N THR G 54 6.78 3.46 -5.27
CA THR G 54 7.85 4.12 -4.54
C THR G 54 7.27 5.03 -3.46
N GLY G 55 8.15 5.54 -2.62
CA GLY G 55 7.76 6.44 -1.56
C GLY G 55 8.82 7.50 -1.33
N ARG G 56 8.38 8.66 -0.87
CA ARG G 56 9.28 9.80 -0.72
C ARG G 56 8.83 10.63 0.47
N ARG G 57 9.79 11.12 1.25
CA ARG G 57 9.52 11.89 2.47
C ARG G 57 9.55 13.37 2.12
N ILE G 58 8.39 13.90 1.72
CA ILE G 58 8.28 15.28 1.27
C ILE G 58 8.15 16.20 2.46
N HIS G 59 8.85 17.34 2.43
CA HIS G 59 8.77 18.35 3.48
CA HIS G 59 8.77 18.35 3.48
C HIS G 59 7.80 19.44 3.02
N SER G 60 6.51 19.15 3.17
CA SER G 60 5.45 20.08 2.81
C SER G 60 5.04 20.88 4.04
N TYR G 61 3.95 21.63 3.94
CA TYR G 61 3.50 22.50 5.02
C TYR G 61 2.02 22.28 5.26
N ARG G 62 1.59 22.54 6.50
CA ARG G 62 0.20 22.33 6.87
C ARG G 62 -0.71 23.27 6.09
N GLY G 63 -1.89 22.77 5.73
CA GLY G 63 -2.84 23.55 4.98
C GLY G 63 -2.57 23.67 3.49
N HIS G 64 -1.65 22.86 2.95
CA HIS G 64 -1.32 22.91 1.54
C HIS G 64 -2.16 21.90 0.77
N LEU G 65 -2.76 22.35 -0.33
CA LEU G 65 -3.63 21.49 -1.13
C LEU G 65 -2.80 20.68 -2.11
N TRP G 66 -3.18 19.42 -2.31
CA TRP G 66 -2.45 18.50 -3.17
C TRP G 66 -3.43 17.65 -3.98
N LEU G 67 -3.02 17.31 -5.21
CA LEU G 67 -3.72 16.31 -5.99
C LEU G 67 -2.70 15.59 -6.86
N PHE G 68 -3.10 14.43 -7.38
CA PHE G 68 -2.17 13.56 -8.09
C PHE G 68 -2.80 13.06 -9.37
N ARG G 69 -2.01 13.03 -10.44
CA ARG G 69 -2.43 12.59 -11.76
C ARG G 69 -1.39 11.63 -12.33
N ASP G 70 -1.82 10.84 -13.32
CA ASP G 70 -0.89 10.05 -14.10
C ASP G 70 0.09 10.98 -14.82
N ALA G 71 1.39 10.70 -14.67
CA ALA G 71 2.39 11.60 -15.23
C ALA G 71 2.29 11.68 -16.75
N GLY G 72 2.05 10.55 -17.41
CA GLY G 72 2.02 10.51 -18.86
C GLY G 72 0.66 10.78 -19.47
N THR G 73 -0.34 9.97 -19.13
CA THR G 73 -1.66 10.09 -19.73
C THR G 73 -2.51 11.17 -19.08
N HIS G 74 -2.07 11.74 -17.95
CA HIS G 74 -2.81 12.77 -17.23
C HIS G 74 -4.18 12.28 -16.79
N ASP G 75 -4.26 11.01 -16.39
CA ASP G 75 -5.48 10.50 -15.81
C ASP G 75 -5.59 10.90 -14.34
N GLY G 76 -6.83 10.92 -13.83
CA GLY G 76 -7.05 11.30 -12.46
C GLY G 76 -6.66 10.21 -11.48
N LEU G 77 -6.23 10.63 -10.29
CA LEU G 77 -5.80 9.70 -9.25
C LEU G 77 -6.30 10.17 -7.88
N LEU G 78 -6.50 9.20 -6.99
CA LEU G 78 -7.03 9.44 -5.65
C LEU G 78 -5.91 9.34 -4.62
N VAL G 79 -5.99 10.17 -3.58
CA VAL G 79 -5.05 10.15 -2.48
C VAL G 79 -5.83 9.96 -1.19
N ASN G 80 -5.58 8.84 -0.50
CA ASN G 80 -6.34 8.45 0.69
C ASN G 80 -7.83 8.46 0.43
N GLN G 81 -8.21 7.97 -0.76
CA GLN G 81 -9.62 7.84 -1.14
C GLN G 81 -10.33 9.19 -1.14
N THR G 82 -9.65 10.21 -1.68
CA THR G 82 -10.22 11.53 -1.88
C THR G 82 -9.54 12.14 -3.10
N GLU G 83 -10.18 13.13 -3.71
CA GLU G 83 -9.61 13.75 -4.89
C GLU G 83 -8.60 14.82 -4.55
N LEU G 84 -8.53 15.24 -3.29
CA LEU G 84 -7.57 16.22 -2.82
C LEU G 84 -6.96 15.73 -1.51
N PHE G 85 -5.79 16.28 -1.18
CA PHE G 85 -5.08 15.92 0.05
C PHE G 85 -4.60 17.19 0.75
N VAL G 86 -4.97 17.32 2.01
CA VAL G 86 -4.48 18.37 2.90
C VAL G 86 -3.81 17.69 4.08
N PRO G 87 -2.54 17.96 4.36
CA PRO G 87 -1.89 17.33 5.50
C PRO G 87 -2.50 17.83 6.81
N SER G 88 -2.68 16.89 7.74
CA SER G 88 -3.18 17.24 9.06
C SER G 88 -2.04 17.85 9.88
N LEU G 89 -2.14 17.77 11.21
CA LEU G 89 -1.06 18.23 12.07
C LEU G 89 -0.24 17.04 12.53
N ASN G 90 1.08 17.14 12.35
CA ASN G 90 1.98 16.06 12.76
C ASN G 90 2.00 15.95 14.28
N VAL G 91 1.91 14.74 14.79
CA VAL G 91 1.93 14.46 16.23
C VAL G 91 3.25 13.80 16.57
N ASP G 92 3.97 14.38 17.54
CA ASP G 92 5.23 13.83 18.04
C ASP G 92 6.26 13.65 16.92
N GLY G 93 6.24 14.56 15.95
CA GLY G 93 7.18 14.51 14.85
C GLY G 93 6.96 13.38 13.87
N GLN G 94 5.94 12.55 14.07
CA GLN G 94 5.67 11.47 13.15
C GLN G 94 5.21 12.04 11.81
N PRO G 95 5.58 11.39 10.70
CA PRO G 95 5.15 11.87 9.39
C PRO G 95 3.67 11.63 9.17
N ILE G 96 3.18 12.18 8.06
CA ILE G 96 1.78 12.03 7.64
C ILE G 96 1.78 11.27 6.33
N PHE G 97 1.06 10.15 6.29
CA PHE G 97 1.10 9.26 5.14
C PHE G 97 -0.04 9.61 4.18
N ALA G 98 0.32 9.89 2.93
CA ALA G 98 -0.64 10.12 1.85
C ALA G 98 -0.49 8.98 0.86
N ASN G 99 -1.48 8.08 0.84
CA ASN G 99 -1.43 6.90 -0.01
C ASN G 99 -2.14 7.20 -1.33
N ILE G 100 -1.44 7.03 -2.43
CA ILE G 100 -1.94 7.37 -3.76
C ILE G 100 -2.31 6.07 -4.48
N THR G 101 -3.59 5.96 -4.85
CA THR G 101 -4.10 4.77 -5.54
C THR G 101 -4.87 5.19 -6.78
N LEU G 102 -5.21 4.18 -7.58
CA LEU G 102 -6.10 4.39 -8.72
C LEU G 102 -7.52 4.63 -8.24
N PRO G 103 -8.30 5.41 -9.00
CA PRO G 103 -9.75 5.45 -8.78
C PRO G 103 -10.44 4.37 -9.60
N VAL G 104 -11.70 4.12 -9.23
CA VAL G 104 -12.54 3.22 -10.03
C VAL G 104 -13.03 4.00 -11.23
N TYR G 105 -12.24 3.98 -12.31
CA TYR G 105 -12.64 4.67 -13.52
C TYR G 105 -13.93 4.09 -14.07
N THR G 106 -14.80 4.98 -14.55
CA THR G 106 -15.99 4.52 -15.27
C THR G 106 -15.55 3.67 -16.46
N LEU G 107 -16.37 2.68 -16.80
CA LEU G 107 -15.99 1.74 -17.86
C LEU G 107 -15.73 2.48 -19.17
N LYS G 108 -16.48 3.55 -19.44
CA LYS G 108 -16.26 4.33 -20.64
C LYS G 108 -14.90 5.01 -20.62
N GLU G 109 -14.57 5.68 -19.50
CA GLU G 109 -13.28 6.37 -19.42
C GLU G 109 -12.12 5.39 -19.41
N ARG G 110 -12.29 4.24 -18.76
CA ARG G 110 -11.25 3.22 -18.77
C ARG G 110 -11.00 2.71 -20.19
N CYS G 111 -12.07 2.50 -20.95
CA CYS G 111 -11.91 2.06 -22.34
C CYS G 111 -11.21 3.12 -23.17
N LEU G 112 -11.52 4.39 -22.94
CA LEU G 112 -10.83 5.47 -23.65
C LEU G 112 -9.32 5.40 -23.39
N GLN G 113 -8.93 5.22 -22.13
CA GLN G 113 -7.52 5.16 -21.78
C GLN G 113 -6.82 4.04 -22.53
N VAL G 114 -7.46 2.88 -22.67
CA VAL G 114 -6.84 1.75 -23.34
C VAL G 114 -6.67 2.04 -24.83
N VAL G 115 -7.69 2.61 -25.47
CA VAL G 115 -7.58 2.90 -26.90
C VAL G 115 -6.58 4.03 -27.15
N ARG G 116 -6.54 5.02 -26.26
CA ARG G 116 -5.57 6.10 -26.38
C ARG G 116 -4.14 5.58 -26.28
N SER G 117 -3.94 4.47 -25.57
CA SER G 117 -2.60 3.91 -25.40
C SER G 117 -2.22 2.96 -26.53
N LEU G 118 -3.13 2.68 -27.46
CA LEU G 118 -2.86 1.77 -28.56
C LEU G 118 -2.98 2.42 -29.94
N VAL G 119 -3.70 3.55 -30.04
CA VAL G 119 -3.91 4.23 -31.31
C VAL G 119 -3.34 5.64 -31.19
N LYS G 120 -2.54 6.03 -32.18
CA LYS G 120 -2.05 7.39 -32.24
C LYS G 120 -3.22 8.35 -32.51
N PRO G 121 -3.23 9.54 -31.89
CA PRO G 121 -4.37 10.46 -32.09
C PRO G 121 -4.62 10.82 -33.54
N GLU G 122 -3.62 10.69 -34.41
CA GLU G 122 -3.81 10.92 -35.83
C GLU G 122 -4.71 9.85 -36.46
N ASN G 123 -4.80 8.68 -35.85
CA ASN G 123 -5.55 7.55 -36.39
C ASN G 123 -6.87 7.31 -35.66
N TYR G 124 -7.30 8.23 -34.80
CA TYR G 124 -8.56 8.05 -34.06
C TYR G 124 -9.73 7.93 -35.02
N ARG G 125 -9.74 8.71 -36.10
CA ARG G 125 -10.86 8.70 -37.04
C ARG G 125 -10.91 7.46 -37.91
N ARG G 126 -9.85 6.65 -37.92
CA ARG G 126 -9.83 5.40 -38.68
C ARG G 126 -10.47 4.23 -37.95
N LEU G 127 -10.87 4.41 -36.69
CA LEU G 127 -11.51 3.34 -35.96
C LEU G 127 -12.97 3.18 -36.41
N ASP G 128 -13.54 2.03 -36.10
CA ASP G 128 -14.90 1.68 -36.54
C ASP G 128 -15.93 1.91 -35.43
N ILE G 129 -15.90 3.09 -34.81
CA ILE G 129 -16.87 3.49 -33.80
C ILE G 129 -17.74 4.63 -34.34
N VAL G 130 -18.73 5.02 -33.54
CA VAL G 130 -19.60 6.12 -33.90
C VAL G 130 -18.82 7.43 -33.80
N ARG G 131 -19.20 8.42 -34.62
CA ARG G 131 -18.50 9.70 -34.61
C ARG G 131 -18.68 10.47 -33.31
N SER G 132 -19.72 10.16 -32.54
CA SER G 132 -19.90 10.79 -31.23
C SER G 132 -18.76 10.44 -30.28
N LEU G 133 -18.16 9.26 -30.43
CA LEU G 133 -17.05 8.85 -29.59
C LEU G 133 -15.70 9.37 -30.07
N TYR G 134 -15.61 9.81 -31.33
CA TYR G 134 -14.35 10.35 -31.84
C TYR G 134 -13.87 11.52 -30.97
N GLU G 135 -14.78 12.35 -30.47
CA GLU G 135 -14.36 13.42 -29.57
C GLU G 135 -13.92 12.89 -28.22
N ASP G 136 -14.65 11.91 -27.68
CA ASP G 136 -14.30 11.37 -26.37
C ASP G 136 -12.89 10.78 -26.36
N LEU G 137 -12.44 10.23 -27.49
CA LEU G 137 -11.05 9.76 -27.56
C LEU G 137 -10.07 10.92 -27.52
N GLU G 138 -10.31 11.95 -28.33
CA GLU G 138 -9.38 13.08 -28.41
C GLU G 138 -9.56 14.08 -27.29
N ASP G 139 -10.60 13.95 -26.46
CA ASP G 139 -10.77 14.79 -25.27
C ASP G 139 -9.95 14.20 -24.13
N HIS G 140 -8.64 14.36 -24.25
CA HIS G 140 -7.73 13.89 -23.22
C HIS G 140 -7.91 14.69 -21.93
N PRO G 141 -7.71 14.06 -20.77
CA PRO G 141 -8.02 14.72 -19.49
C PRO G 141 -7.08 15.88 -19.21
N ASN G 142 -7.65 17.03 -18.86
CA ASN G 142 -6.91 18.19 -18.40
C ASN G 142 -7.14 18.42 -16.92
N VAL G 143 -6.15 19.05 -16.28
CA VAL G 143 -6.26 19.31 -14.84
C VAL G 143 -7.08 20.55 -14.57
N GLN G 144 -7.10 21.51 -15.49
CA GLN G 144 -7.79 22.78 -15.25
C GLN G 144 -9.29 22.58 -15.14
N LYS G 145 -9.87 21.75 -16.01
CA LYS G 145 -11.30 21.47 -15.93
C LYS G 145 -11.64 20.64 -14.70
N ASP G 146 -10.70 19.84 -14.21
CA ASP G 146 -10.95 19.05 -13.01
C ASP G 146 -10.96 19.91 -11.76
N LEU G 147 -10.14 20.96 -11.72
CA LEU G 147 -10.21 21.91 -10.62
C LEU G 147 -11.53 22.68 -10.64
N GLU G 148 -12.10 22.90 -11.84
CA GLU G 148 -13.37 23.59 -11.94
C GLU G 148 -14.51 22.77 -11.36
N ARG G 149 -14.51 21.46 -11.61
CA ARG G 149 -15.56 20.61 -11.06
C ARG G 149 -15.40 20.46 -9.55
N LEU G 150 -14.17 20.22 -9.09
CA LEU G 150 -13.92 20.09 -7.66
C LEU G 150 -14.30 21.35 -6.90
N THR G 151 -14.11 22.51 -7.53
CA THR G 151 -14.56 23.76 -6.92
C THR G 151 -16.09 23.83 -6.87
N GLN G 152 -16.74 23.51 -8.00
CA GLN G 152 -18.20 23.54 -8.03
C GLN G 152 -18.84 22.41 -7.24
N GLU G 153 -18.17 21.25 -7.15
CA GLU G 153 -18.75 20.12 -6.41
C GLU G 153 -18.70 20.35 -4.90
N ARG G 154 -17.70 21.11 -4.42
CA ARG G 154 -17.53 21.34 -3.00
C ARG G 154 -18.19 22.66 -2.58
N ILE G 155 -19.51 22.69 -2.74
CA ILE G 155 -20.28 23.84 -2.32
C ILE G 155 -20.75 23.71 -0.86
N ALA G 156 -20.98 22.49 -0.41
CA ALA G 156 -21.42 22.25 0.97
C ALA G 156 -20.95 20.88 1.46
N MET H 2 37.03 24.07 -24.42
CA MET H 2 36.89 24.51 -23.03
C MET H 2 35.43 24.46 -22.62
N THR H 3 35.16 23.77 -21.51
CA THR H 3 33.80 23.55 -21.02
C THR H 3 33.44 24.55 -19.92
N GLU H 4 32.15 24.84 -19.83
CA GLU H 4 31.62 25.76 -18.82
C GLU H 4 31.00 24.96 -17.67
N TYR H 5 31.22 25.44 -16.45
CA TYR H 5 30.69 24.82 -15.24
C TYR H 5 30.04 25.89 -14.38
N LYS H 6 28.70 25.90 -14.34
CA LYS H 6 27.96 26.84 -13.52
C LYS H 6 27.82 26.28 -12.11
N LEU H 7 28.43 26.95 -11.14
CA LEU H 7 28.39 26.54 -9.74
C LEU H 7 27.66 27.59 -8.92
N VAL H 8 26.81 27.13 -8.01
CA VAL H 8 26.01 28.02 -7.16
C VAL H 8 26.46 27.84 -5.72
N VAL H 9 26.43 28.94 -4.96
CA VAL H 9 26.85 28.95 -3.56
C VAL H 9 25.65 29.36 -2.72
N VAL H 10 25.08 28.41 -1.99
CA VAL H 10 23.92 28.66 -1.15
C VAL H 10 24.34 28.55 0.32
N GLY H 11 23.58 29.23 1.17
CA GLY H 11 23.87 29.22 2.59
C GLY H 11 23.11 30.30 3.32
N ALA H 12 23.39 30.40 4.62
CA ALA H 12 22.72 31.36 5.48
C ALA H 12 23.49 32.68 5.50
N ARG H 13 22.88 33.69 6.10
CA ARG H 13 23.49 35.01 6.19
C ARG H 13 24.73 34.99 7.06
N GLY H 14 25.81 35.59 6.57
CA GLY H 14 27.01 35.77 7.36
C GLY H 14 27.84 34.53 7.61
N VAL H 15 27.65 33.47 6.81
CA VAL H 15 28.36 32.21 7.03
C VAL H 15 29.70 32.13 6.32
N GLY H 16 30.08 33.16 5.56
CA GLY H 16 31.33 33.05 4.86
C GLY H 16 31.13 32.40 3.51
N LYS H 17 30.31 33.01 2.68
CA LYS H 17 30.03 32.51 1.33
C LYS H 17 30.66 33.36 0.23
N SER H 18 30.48 34.68 0.26
CA SER H 18 31.21 35.53 -0.69
C SER H 18 32.71 35.35 -0.52
N ALA H 19 33.17 35.27 0.73
CA ALA H 19 34.59 35.06 0.99
C ALA H 19 35.07 33.74 0.40
N LEU H 20 34.21 32.72 0.40
CA LEU H 20 34.57 31.45 -0.21
C LEU H 20 34.80 31.61 -1.71
N THR H 21 33.86 32.29 -2.40
CA THR H 21 34.01 32.51 -3.83
C THR H 21 35.16 33.46 -4.13
N ILE H 22 35.29 34.54 -3.33
CA ILE H 22 36.33 35.53 -3.57
C ILE H 22 37.71 34.89 -3.43
N GLN H 23 37.85 33.94 -2.51
CA GLN H 23 39.14 33.29 -2.31
C GLN H 23 39.53 32.44 -3.51
N LEU H 24 38.59 31.68 -4.06
CA LEU H 24 38.90 30.87 -5.24
C LEU H 24 39.25 31.73 -6.43
N ILE H 25 38.64 32.90 -6.56
CA ILE H 25 38.92 33.78 -7.70
C ILE H 25 40.19 34.57 -7.44
N GLN H 26 40.20 35.38 -6.38
CA GLN H 26 41.29 36.29 -6.05
C GLN H 26 41.63 36.12 -4.58
N ASN H 27 42.76 35.48 -4.28
CA ASN H 27 43.14 35.15 -2.91
C ASN H 27 43.10 36.36 -1.97
N HIS H 28 41.97 36.55 -1.29
CA HIS H 28 41.75 37.74 -0.48
C HIS H 28 40.87 37.34 0.70
N PHE H 29 40.80 38.25 1.69
CA PHE H 29 39.91 38.07 2.83
C PHE H 29 39.69 39.42 3.52
N GLU H 38 23.77 38.20 -5.16
CA GLU H 38 24.81 39.21 -5.18
C GLU H 38 25.35 39.41 -6.59
N ASP H 39 26.39 38.65 -6.93
CA ASP H 39 27.03 38.77 -8.22
C ASP H 39 27.58 37.40 -8.64
N SER H 40 28.07 37.34 -9.88
CA SER H 40 28.63 36.14 -10.45
C SER H 40 30.10 36.40 -10.80
N TYR H 41 30.94 35.41 -10.53
CA TYR H 41 32.38 35.54 -10.75
C TYR H 41 32.83 34.43 -11.68
N ARG H 42 33.80 34.73 -12.55
CA ARG H 42 34.26 33.79 -13.55
C ARG H 42 35.78 33.69 -13.52
N LYS H 43 36.29 32.47 -13.58
CA LYS H 43 37.72 32.22 -13.60
C LYS H 43 37.98 30.98 -14.44
N GLN H 44 39.05 31.03 -15.23
CA GLN H 44 39.46 29.89 -16.03
C GLN H 44 40.40 29.04 -15.17
N VAL H 45 39.99 27.80 -14.90
CA VAL H 45 40.70 26.95 -13.95
C VAL H 45 41.08 25.63 -14.59
N VAL H 46 42.12 25.01 -14.04
CA VAL H 46 42.57 23.67 -14.39
C VAL H 46 42.29 22.78 -13.20
N ILE H 47 41.57 21.68 -13.42
CA ILE H 47 41.17 20.81 -12.32
C ILE H 47 41.76 19.42 -12.49
N ASP H 48 41.21 18.62 -13.40
CA ASP H 48 41.73 17.28 -13.65
C ASP H 48 42.49 17.23 -14.96
N GLY H 49 43.40 18.18 -15.16
CA GLY H 49 44.10 18.29 -16.43
C GLY H 49 43.22 18.73 -17.56
N GLU H 50 42.16 19.49 -17.27
CA GLU H 50 41.23 20.00 -18.25
C GLU H 50 40.98 21.48 -17.95
N THR H 51 41.45 22.36 -18.85
CA THR H 51 41.22 23.79 -18.68
C THR H 51 39.75 24.08 -18.96
N CYS H 52 39.00 24.50 -17.95
CA CYS H 52 37.57 24.73 -18.06
C CYS H 52 37.19 26.02 -17.35
N LEU H 53 35.96 26.46 -17.61
CA LEU H 53 35.41 27.70 -17.06
C LEU H 53 34.52 27.41 -15.87
N LEU H 54 34.76 28.12 -14.78
CA LEU H 54 33.87 28.12 -13.62
C LEU H 54 33.09 29.42 -13.59
N ASP H 55 31.78 29.32 -13.38
CA ASP H 55 30.89 30.47 -13.26
C ASP H 55 30.28 30.38 -11.86
N ILE H 56 30.85 31.10 -10.92
CA ILE H 56 30.44 31.01 -9.52
C ILE H 56 29.39 32.07 -9.25
N LEU H 57 28.24 31.65 -8.75
CA LEU H 57 27.13 32.53 -8.40
C LEU H 57 26.98 32.52 -6.88
N ASP H 58 27.39 33.62 -6.24
CA ASP H 58 27.25 33.76 -4.80
C ASP H 58 25.87 34.32 -4.50
N THR H 59 24.98 33.45 -4.02
CA THR H 59 23.63 33.89 -3.66
C THR H 59 23.66 34.73 -2.39
N ALA H 60 22.74 35.69 -2.31
CA ALA H 60 22.67 36.57 -1.15
C ALA H 60 21.32 37.26 -1.15
N GLY H 61 21.04 37.95 -0.04
CA GLY H 61 19.83 38.71 0.10
C GLY H 61 18.69 37.92 0.70
N GLN H 62 17.51 38.55 0.69
CA GLN H 62 16.31 37.92 1.20
C GLN H 62 15.91 36.74 0.32
N GLU H 63 15.11 35.85 0.90
CA GLU H 63 14.64 34.68 0.19
C GLU H 63 13.42 35.04 -0.65
N GLU H 64 13.35 34.44 -1.84
CA GLU H 64 12.28 34.76 -2.78
C GLU H 64 11.99 33.49 -3.59
N TYR H 65 10.70 33.17 -3.74
CA TYR H 65 10.33 31.96 -4.44
C TYR H 65 9.52 32.29 -5.68
N SER H 66 10.09 33.11 -6.55
CA SER H 66 9.47 33.48 -7.81
C SER H 66 9.95 32.57 -8.93
N ALA H 67 9.21 32.60 -10.04
CA ALA H 67 9.62 31.83 -11.22
C ALA H 67 10.93 32.36 -11.79
N MET H 68 11.23 33.63 -11.57
CA MET H 68 12.54 34.16 -11.94
C MET H 68 13.65 33.47 -11.18
N ARG H 69 13.63 33.56 -9.84
CA ARG H 69 14.71 33.00 -9.04
C ARG H 69 14.76 31.49 -9.17
N ASP H 70 13.61 30.83 -9.32
CA ASP H 70 13.60 29.39 -9.54
C ASP H 70 14.35 29.03 -10.81
N GLN H 71 13.98 29.66 -11.93
CA GLN H 71 14.65 29.36 -13.20
C GLN H 71 16.09 29.82 -13.21
N TYR H 72 16.43 30.83 -12.40
CA TYR H 72 17.82 31.26 -12.31
C TYR H 72 18.67 30.24 -11.56
N MET H 73 18.15 29.69 -10.46
CA MET H 73 18.89 28.66 -9.72
C MET H 73 18.87 27.32 -10.43
N ARG H 74 17.80 27.04 -11.19
CA ARG H 74 17.74 25.79 -11.95
C ARG H 74 18.90 25.68 -12.94
N THR H 75 19.41 26.81 -13.42
CA THR H 75 20.48 26.80 -14.41
C THR H 75 21.77 26.23 -13.83
N GLY H 76 21.98 26.36 -12.53
CA GLY H 76 23.21 25.88 -11.93
C GLY H 76 23.30 24.37 -12.01
N GLU H 77 24.52 23.87 -12.25
CA GLU H 77 24.76 22.44 -12.38
C GLU H 77 25.15 21.79 -11.06
N GLY H 78 25.74 22.54 -10.15
CA GLY H 78 26.12 22.02 -8.85
C GLY H 78 26.12 23.12 -7.83
N PHE H 79 25.93 22.75 -6.56
CA PHE H 79 25.65 23.71 -5.51
C PHE H 79 26.60 23.50 -4.33
N LEU H 80 27.02 24.60 -3.71
CA LEU H 80 27.78 24.57 -2.46
C LEU H 80 26.84 24.94 -1.33
N CYS H 81 26.56 23.97 -0.46
CA CYS H 81 25.73 24.19 0.74
C CYS H 81 26.65 24.44 1.92
N VAL H 82 26.69 25.69 2.37
CA VAL H 82 27.66 26.16 3.35
C VAL H 82 26.96 26.39 4.68
N PHE H 83 27.56 25.90 5.76
CA PHE H 83 27.11 26.19 7.11
C PHE H 83 28.30 26.65 7.93
N ALA H 84 28.02 27.42 8.97
CA ALA H 84 29.06 27.91 9.88
C ALA H 84 29.11 27.04 11.12
N ILE H 85 30.33 26.70 11.55
CA ILE H 85 30.48 25.86 12.73
C ILE H 85 30.22 26.65 14.01
N ASN H 86 30.30 27.98 13.96
CA ASN H 86 29.97 28.81 15.11
C ASN H 86 28.58 29.43 14.97
N ASN H 87 27.77 28.95 14.04
CA ASN H 87 26.36 29.34 13.91
C ASN H 87 25.61 28.05 13.64
N THR H 88 24.99 27.49 14.68
CA THR H 88 24.35 26.18 14.55
C THR H 88 23.11 26.24 13.67
N LYS H 89 22.38 27.36 13.69
CA LYS H 89 21.16 27.47 12.88
C LYS H 89 21.47 27.30 11.40
N SER H 90 22.57 27.91 10.92
CA SER H 90 22.96 27.72 9.53
C SER H 90 23.16 26.25 9.19
N PHE H 91 23.59 25.45 10.17
CA PHE H 91 23.69 24.01 9.96
C PHE H 91 22.32 23.36 10.00
N GLU H 92 21.44 23.80 10.90
CA GLU H 92 20.08 23.30 10.96
C GLU H 92 19.19 23.91 9.89
N ASP H 93 19.70 24.85 9.10
CA ASP H 93 19.00 25.36 7.93
C ASP H 93 19.38 24.62 6.66
N ILE H 94 20.49 23.88 6.68
CA ILE H 94 20.99 23.17 5.50
C ILE H 94 19.94 22.25 4.92
N HIS H 95 19.08 21.66 5.76
CA HIS H 95 18.07 20.76 5.24
C HIS H 95 17.15 21.47 4.27
N HIS H 96 16.80 22.72 4.55
CA HIS H 96 15.85 23.45 3.71
C HIS H 96 16.48 23.88 2.38
N TYR H 97 17.76 24.24 2.39
CA TYR H 97 18.41 24.63 1.14
C TYR H 97 18.42 23.48 0.14
N ARG H 98 18.68 22.26 0.61
CA ARG H 98 18.67 21.12 -0.29
C ARG H 98 17.27 20.82 -0.79
N GLU H 99 16.24 21.14 0.01
CA GLU H 99 14.87 20.92 -0.43
C GLU H 99 14.59 21.66 -1.74
N GLN H 100 14.97 22.93 -1.80
CA GLN H 100 14.64 23.75 -2.96
C GLN H 100 15.46 23.36 -4.19
N ILE H 101 16.71 22.95 -4.00
CA ILE H 101 17.51 22.47 -5.13
C ILE H 101 16.81 21.29 -5.79
N LYS H 102 16.34 20.34 -4.98
CA LYS H 102 15.65 19.17 -5.53
C LYS H 102 14.36 19.55 -6.22
N ARG H 103 13.74 20.66 -5.80
CA ARG H 103 12.48 21.08 -6.40
C ARG H 103 12.70 21.74 -7.75
N VAL H 104 13.59 22.75 -7.81
CA VAL H 104 13.79 23.49 -9.06
C VAL H 104 14.59 22.65 -10.05
N LYS H 105 15.56 21.88 -9.57
CA LYS H 105 16.27 20.98 -10.48
C LYS H 105 15.42 19.77 -10.87
N ASP H 106 14.31 19.54 -10.15
CA ASP H 106 13.40 18.44 -10.44
C ASP H 106 14.14 17.11 -10.54
N SER H 107 14.91 16.80 -9.50
CA SER H 107 15.68 15.56 -9.47
C SER H 107 16.05 15.24 -8.03
N GLU H 108 16.03 13.96 -7.72
CA GLU H 108 16.42 13.43 -6.42
C GLU H 108 17.93 13.19 -6.33
N ASP H 109 18.66 13.39 -7.43
CA ASP H 109 20.11 13.24 -7.48
C ASP H 109 20.70 14.48 -8.15
N VAL H 110 21.16 15.43 -7.35
CA VAL H 110 21.74 16.68 -7.85
C VAL H 110 23.16 16.78 -7.30
N PRO H 111 24.16 17.08 -8.13
CA PRO H 111 25.54 17.19 -7.65
C PRO H 111 25.67 18.26 -6.57
N MET H 112 26.03 17.83 -5.36
CA MET H 112 26.11 18.71 -4.21
C MET H 112 27.28 18.30 -3.33
N VAL H 113 27.68 19.21 -2.46
CA VAL H 113 28.75 18.95 -1.50
C VAL H 113 28.54 19.86 -0.30
N LEU H 114 28.50 19.26 0.89
CA LEU H 114 28.33 20.01 2.13
C LEU H 114 29.65 20.63 2.56
N VAL H 115 29.60 21.90 2.97
CA VAL H 115 30.77 22.69 3.29
C VAL H 115 30.65 23.23 4.70
N GLY H 116 31.64 22.93 5.54
CA GLY H 116 31.72 23.51 6.86
C GLY H 116 32.73 24.63 6.89
N ASN H 117 32.24 25.87 6.88
CA ASN H 117 33.09 27.04 6.77
C ASN H 117 33.41 27.61 8.15
N LYS H 118 34.28 28.63 8.16
CA LYS H 118 34.73 29.29 9.39
C LYS H 118 35.43 28.30 10.32
N CYS H 119 36.30 27.46 9.74
CA CYS H 119 36.97 26.44 10.53
C CYS H 119 38.19 26.98 11.26
N ASP H 120 38.18 28.29 11.55
CA ASP H 120 39.25 28.92 12.31
C ASP H 120 38.69 29.78 13.44
N SER H 123 35.74 28.90 18.78
CA SER H 123 34.55 28.32 19.40
C SER H 123 33.77 27.48 18.40
N ARG H 124 34.07 26.18 18.34
CA ARG H 124 33.33 25.27 17.47
C ARG H 124 32.10 24.78 18.23
N THR H 125 30.92 25.03 17.68
CA THR H 125 29.67 24.56 18.27
C THR H 125 29.03 23.43 17.49
N VAL H 126 29.46 23.20 16.25
CA VAL H 126 28.98 22.09 15.43
C VAL H 126 30.16 21.17 15.20
N ASP H 127 30.10 19.97 15.77
CA ASP H 127 31.19 19.02 15.64
C ASP H 127 31.25 18.45 14.23
N THR H 128 32.43 18.00 13.84
CA THR H 128 32.62 17.43 12.51
C THR H 128 31.89 16.10 12.36
N LYS H 129 31.70 15.38 13.47
CA LYS H 129 30.97 14.11 13.39
C LYS H 129 29.51 14.32 13.03
N GLN H 130 28.91 15.42 13.49
CA GLN H 130 27.51 15.70 13.18
C GLN H 130 27.30 15.90 11.69
N ALA H 131 28.27 16.54 11.02
CA ALA H 131 28.12 16.90 9.61
C ALA H 131 28.47 15.75 8.66
N GLN H 132 29.26 14.78 9.09
CA GLN H 132 29.59 13.66 8.20
C GLN H 132 28.46 12.63 8.15
N ASP H 133 27.78 12.37 9.26
CA ASP H 133 26.62 11.50 9.22
C ASP H 133 25.46 12.14 8.49
N LEU H 134 25.42 13.47 8.42
CA LEU H 134 24.42 14.16 7.63
C LEU H 134 24.77 14.11 6.14
N ALA H 135 26.04 14.39 5.81
CA ALA H 135 26.46 14.29 4.42
C ALA H 135 26.32 12.87 3.89
N ARG H 136 26.33 11.87 4.78
CA ARG H 136 26.03 10.50 4.36
C ARG H 136 24.53 10.32 4.16
N SER H 137 23.71 10.91 5.02
CA SER H 137 22.27 10.79 4.88
C SER H 137 21.76 11.45 3.61
N TYR H 138 22.38 12.56 3.20
CA TYR H 138 22.06 13.20 1.94
C TYR H 138 22.88 12.63 0.78
N GLY H 139 23.89 11.82 1.06
CA GLY H 139 24.71 11.20 0.02
C GLY H 139 25.61 12.13 -0.76
N ILE H 140 26.19 13.13 -0.11
CA ILE H 140 27.07 14.07 -0.77
C ILE H 140 28.40 14.15 -0.01
N PRO H 141 29.50 14.48 -0.67
CA PRO H 141 30.77 14.60 0.05
C PRO H 141 30.75 15.79 1.00
N PHE H 142 31.59 15.70 2.03
CA PHE H 142 31.73 16.75 3.02
C PHE H 142 33.18 17.21 3.07
N ILE H 143 33.37 18.53 3.18
CA ILE H 143 34.69 19.14 3.25
C ILE H 143 34.63 20.30 4.22
N GLU H 144 35.58 20.35 5.16
CA GLU H 144 35.72 21.48 6.06
C GLU H 144 36.58 22.56 5.40
N THR H 145 36.05 23.78 5.34
CA THR H 145 36.74 24.88 4.67
C THR H 145 36.99 26.02 5.64
N SER H 146 37.84 26.94 5.22
CA SER H 146 38.15 28.14 6.00
C SER H 146 38.69 29.20 5.05
N ALA H 147 37.97 30.31 4.92
CA ALA H 147 38.38 31.36 3.98
C ALA H 147 39.57 32.18 4.48
N LYS H 148 40.05 31.96 5.71
CA LYS H 148 41.24 32.66 6.19
C LYS H 148 42.52 31.89 5.92
N THR H 149 42.45 30.56 5.97
CA THR H 149 43.62 29.71 5.79
C THR H 149 43.57 28.91 4.50
N ARG H 150 42.61 29.21 3.61
CA ARG H 150 42.43 28.52 2.34
C ARG H 150 42.31 27.01 2.52
N GLN H 151 42.02 26.56 3.74
CA GLN H 151 41.96 25.14 4.03
C GLN H 151 40.83 24.48 3.24
N GLY H 152 41.19 23.73 2.21
CA GLY H 152 40.18 23.06 1.41
C GLY H 152 39.27 23.95 0.62
N VAL H 153 39.63 25.23 0.44
CA VAL H 153 38.81 26.11 -0.38
C VAL H 153 38.89 25.70 -1.84
N ASP H 154 40.08 25.33 -2.31
CA ASP H 154 40.20 24.75 -3.64
C ASP H 154 39.52 23.39 -3.71
N ASP H 155 39.64 22.59 -2.64
CA ASP H 155 39.08 21.24 -2.65
C ASP H 155 37.55 21.28 -2.67
N ALA H 156 36.94 22.19 -1.90
CA ALA H 156 35.49 22.25 -1.85
C ALA H 156 34.91 22.62 -3.21
N PHE H 157 35.53 23.57 -3.91
CA PHE H 157 35.03 23.95 -5.23
C PHE H 157 35.38 22.88 -6.27
N TYR H 158 36.56 22.27 -6.16
CA TYR H 158 36.99 21.31 -7.18
C TYR H 158 36.22 19.99 -7.06
N THR H 159 35.94 19.55 -5.83
CA THR H 159 35.24 18.29 -5.65
C THR H 159 33.82 18.34 -6.20
N LEU H 160 33.20 19.52 -6.18
CA LEU H 160 31.87 19.66 -6.75
C LEU H 160 31.92 19.50 -8.26
N VAL H 161 32.99 20.03 -8.89
CA VAL H 161 33.15 19.88 -10.33
C VAL H 161 33.30 18.40 -10.70
N ARG H 162 33.93 17.62 -9.81
CA ARG H 162 34.00 16.18 -10.04
C ARG H 162 32.63 15.52 -9.87
N GLU H 163 31.76 16.11 -9.06
CA GLU H 163 30.39 15.62 -8.93
C GLU H 163 29.58 15.88 -10.19
N ILE H 164 29.86 16.99 -10.89
CA ILE H 164 29.20 17.22 -12.17
C ILE H 164 29.64 16.16 -13.16
N ARG H 165 30.91 15.76 -13.10
CA ARG H 165 31.39 14.68 -13.94
C ARG H 165 30.75 13.34 -13.56
N LYS H 166 30.24 13.21 -12.33
CA LYS H 166 29.56 11.98 -11.96
C LYS H 166 28.16 11.90 -12.57
N HIS H 167 27.35 12.95 -12.41
CA HIS H 167 25.99 12.90 -12.94
C HIS H 167 25.98 13.07 -14.45
N LYS H 168 26.80 13.98 -14.98
CA LYS H 168 26.86 14.18 -16.43
C LYS H 168 27.57 13.03 -17.11
N GLU H 169 28.54 12.42 -16.44
CA GLU H 169 29.40 11.39 -17.02
C GLU H 169 30.10 11.88 -18.29
S SO4 I . 11.49 2.71 -1.76
O1 SO4 I . 10.87 3.79 -0.99
O2 SO4 I . 12.57 3.26 -2.59
O3 SO4 I . 12.04 1.73 -0.84
O4 SO4 I . 10.49 2.07 -2.61
C1 A1JHI J . -14.49 2.02 22.96
C2 A1JHI J . -13.30 2.68 23.64
C3 A1JHI J . -13.66 3.14 25.05
C4 A1JHI J . -12.64 3.82 22.80
C5 A1JHI J . -12.75 3.57 21.29
C8 A1JHI J . -10.28 3.15 21.13
C11 A1JHI J . -10.28 2.59 18.80
C12 A1JHI J . -11.72 2.98 19.16
C20 A1JHI J . -12.29 -2.31 15.02
C13 A1JHI J . -12.69 1.85 18.86
C60 A1JHI J . -22.55 -2.53 21.43
C16 A1JHI J . -14.22 0.84 17.25
C17 A1JHI J . -13.55 -0.25 16.46
C18 A1JHI J . -14.28 -1.31 15.93
C19 A1JHI J . -13.66 -2.32 15.21
C21 A1JHI J . -11.31 -3.12 14.39
C24 A1JHI J . -11.55 -1.23 15.55
C25 A1JHI J . -12.16 -0.22 16.26
C26 A1JHI J . -9.08 -0.66 15.56
C30 A1JHI J . -14.13 7.03 23.45
C31 A1JHI J . -14.32 5.72 23.07
C32 A1JHI J . -15.66 5.19 22.69
C33 A1JHI J . -16.66 6.34 22.50
C34 A1JHI J . -16.57 7.38 23.61
C35 A1JHI J . -17.65 8.47 23.50
C36 A1JHI J . -18.91 8.12 22.75
C37 A1JHI J . -20.10 8.97 23.11
C39 A1JHI J . -22.44 8.93 23.90
C40 A1JHI J . -23.68 9.37 23.16
C41 A1JHI J . -24.61 8.27 22.66
C43 A1JHI J . -22.82 6.94 21.45
C44 A1JHI J . -23.33 6.84 20.02
C45 A1JHI J . -21.84 8.09 21.62
C46 A1JHI J . -24.36 5.92 23.13
C48 A1JHI J . -25.80 5.05 24.65
C49 A1JHI J . -25.27 3.79 24.47
C50 A1JHI J . -24.23 3.69 23.56
C52 A1JHI J . -23.62 2.37 23.27
C55 A1JHI J . -23.35 0.31 23.27
C57 A1JHI J . -23.41 -1.17 23.51
C58 A1JHI J . -24.51 -1.44 24.53
C59 A1JHI J . -23.73 -1.91 22.18
C61 A1JHI J . -21.77 -3.45 22.34
C62 A1JHI J . -21.40 -2.71 23.58
C64 A1JHI J . -20.26 -1.80 25.59
C65 A1JHI J . -21.41 -1.12 25.27
C66 A1JHI J . -22.08 -1.64 24.10
C67 A1JHI J . -21.87 0.01 26.03
C70 A1JHI J . -15.20 8.07 23.54
C9 A1JHI J . -9.44 3.29 19.87
N15 A1JHI J . -13.27 1.87 17.66
N22 A1JHI J . -10.10 -2.61 14.51
N23 A1JHI J . -10.25 -1.46 15.23
N27 A1JHI J . -13.09 5.18 23.13
N28 A1JHI J . -12.17 6.09 23.52
N29 A1JHI J . -12.80 7.22 23.71
N38 A1JHI J . -21.42 8.24 23.04
N42 A1JHI J . -23.92 7.00 22.43
N47 A1JHI J . -25.37 6.13 24.00
N51 A1JHI J . -23.76 4.73 22.87
N53 A1JHI J . -22.49 2.22 22.63
N56 A1JHI J . -24.20 1.19 23.70
N68 A1JHI J . -22.27 0.91 26.59
N69 A1JHI J . -19.41 -1.57 26.61
N7 A1JHI J . -11.65 3.26 20.60
O10 A1JHI J . -9.24 4.66 19.54
O14 A1JHI J . -12.90 0.96 19.69
O54 A1JHI J . -22.30 0.82 22.63
O6 A1JHI J . -13.82 3.76 20.72
S63 A1JHI J . -19.96 -3.10 24.48
PG GCP K . -34.09 3.68 27.40
O1G GCP K . -34.50 2.44 28.19
O2G GCP K . -32.84 3.44 26.56
O3G GCP K . -33.97 4.92 28.27
C3B GCP K . -35.45 4.01 26.22
PB GCP K . -35.97 2.66 25.14
O1B GCP K . -35.05 2.60 23.97
O2B GCP K . -36.07 1.40 25.97
O3A GCP K . -37.50 3.03 24.72
PA GCP K . -38.97 2.97 25.33
O1A GCP K . -39.63 1.70 24.91
O2A GCP K . -38.90 3.29 26.77
O5' GCP K . -39.64 4.21 24.55
C5' GCP K . -39.73 5.53 25.14
C4' GCP K . -40.95 6.21 24.60
O4' GCP K . -41.12 5.75 23.25
C3' GCP K . -42.27 5.96 25.34
O3' GCP K . -42.89 7.21 25.54
C2' GCP K . -43.13 5.18 24.34
O2' GCP K . -44.52 5.51 24.38
C1' GCP K . -42.48 5.49 23.00
N9 GCP K . -42.56 4.43 22.00
C8 GCP K . -41.88 3.24 21.98
N7 GCP K . -42.12 2.52 20.90
C5 GCP K . -43.03 3.28 20.18
C6 GCP K . -43.64 3.05 18.92
O6 GCP K . -43.50 2.07 18.19
N1 GCP K . -44.47 4.09 18.55
C2 GCP K . -44.69 5.22 19.29
N2 GCP K . -45.51 6.14 18.77
N3 GCP K . -44.12 5.46 20.47
C4 GCP K . -43.31 4.46 20.85
MG MG L . -36.05 0.96 28.64
S SO4 M . -34.95 15.53 13.60
O1 SO4 M . -34.63 16.17 12.33
O2 SO4 M . -33.85 15.73 14.54
O3 SO4 M . -36.17 16.13 14.15
O4 SO4 M . -35.17 14.10 13.39
S SO4 N . -28.40 8.88 23.44
O1 SO4 N . -28.05 7.88 22.42
O2 SO4 N . -28.15 8.33 24.77
O3 SO4 N . -27.58 10.08 23.24
O4 SO4 N . -29.80 9.23 23.31
C1 A1JHI O . 7.03 28.46 -1.83
C2 A1JHI O . 7.51 27.02 -1.72
C3 A1JHI O . 7.40 26.32 -3.07
C4 A1JHI O . 6.69 26.25 -0.65
C5 A1JHI O . 7.24 24.83 -0.43
C8 A1JHI O . 5.18 23.93 -1.44
C11 A1JHI O . 5.72 21.62 -1.36
C12 A1JHI O . 6.88 22.38 -0.68
C20 A1JHI O . 10.00 17.10 -3.88
C13 A1JHI O . 8.21 22.04 -1.37
C60 A1JHI O . 18.15 26.43 -3.52
C16 A1JHI O . 10.19 20.60 -1.36
C17 A1JHI O . 10.10 19.40 -2.27
C18 A1JHI O . 11.26 18.85 -2.82
C19 A1JHI O . 11.23 17.71 -3.62
C21 A1JHI O . 9.54 15.96 -4.62
C24 A1JHI O . 8.83 17.65 -3.33
C25 A1JHI O . 8.87 18.79 -2.54
C26 A1JHI O . 6.37 17.04 -3.49
C30 A1JHI O . 6.85 28.00 2.49
C31 A1JHI O . 7.52 27.47 1.43
C32 A1JHI O . 9.02 27.57 1.31
C33 A1JHI O . 9.62 28.06 2.61
C34 A1JHI O . 8.85 29.23 3.23
C35 A1JHI O . 9.49 29.72 4.52
C36 A1JHI O . 10.96 29.38 4.71
C37 A1JHI O . 11.71 30.28 5.67
C39 A1JHI O . 13.68 31.74 5.89
C40 A1JHI O . 14.89 31.54 6.78
C41 A1JHI O . 16.18 31.11 6.10
C43 A1JHI O . 15.21 29.14 4.85
C44 A1JHI O . 16.06 27.96 5.29
C45 A1JHI O . 13.92 29.26 5.65
C46 A1JHI O . 16.57 30.90 3.72
C48 A1JHI O . 17.90 32.45 2.76
C49 A1JHI O . 17.84 31.80 1.54
C50 A1JHI O . 17.08 30.65 1.52
C52 A1JHI O . 16.98 29.86 0.28
C55 A1JHI O . 17.35 29.21 -1.66
C57 A1JHI O . 17.85 28.98 -3.06
C58 A1JHI O . 18.67 30.22 -3.48
C59 A1JHI O . 18.78 27.73 -3.05
C61 A1JHI O . 17.53 26.58 -4.89
C62 A1JHI O . 16.58 27.74 -4.86
C64 A1JHI O . 14.67 29.29 -5.17
C65 A1JHI O . 15.56 29.71 -4.19
C66 A1JHI O . 16.67 28.80 -4.02
C67 A1JHI O . 15.34 30.90 -3.42
C70 A1JHI O . 7.47 28.74 3.64
C9 A1JHI O . 4.54 22.57 -1.23
N15 A1JHI O . 8.90 21.04 -0.83
N22 A1JHI O . 8.24 15.84 -4.53
N23 A1JHI O . 7.80 16.87 -3.75
N27 A1JHI O . 6.57 26.96 0.63
N28 A1JHI O . 5.34 27.14 1.17
N29 A1JHI O . 5.51 27.77 2.32
N38 A1JHI O . 13.15 30.47 5.28
N42 A1JHI O . 15.98 30.40 4.85
N47 A1JHI O . 17.28 32.03 3.86
N51 A1JHI O . 16.44 30.17 2.59
N53 A1JHI O . 16.10 28.89 0.12
N56 A1JHI O . 17.78 30.10 -0.83
N68 A1JHI O . 15.20 31.82 -2.77
N69 A1JHI O . 13.54 29.89 -5.57
N7 A1JHI O . 6.50 23.79 -0.83
O10 A1JHI O . 3.97 22.48 0.08
O14 A1JHI O . 8.59 22.68 -2.34
O54 A1JHI O . 16.35 28.44 -1.20
O6 A1JHI O . 8.33 24.68 0.11
S63 A1JHI O . 15.20 27.80 -5.88
PG GCP P . 25.63 37.29 3.29
O1G GCP P . 26.50 38.03 2.30
O2G GCP P . 24.17 37.19 2.83
O3G GCP P . 25.74 37.85 4.70
C3B GCP P . 26.25 35.57 3.37
PB GCP P . 28.04 35.29 3.34
O1B GCP P . 28.32 33.95 3.93
O2B GCP P . 28.55 35.55 1.95
O3A GCP P . 28.69 36.46 4.24
PA GCP P . 30.23 36.87 4.46
O1A GCP P . 31.04 36.13 3.48
O2A GCP P . 30.35 38.34 4.54
O5' GCP P . 30.56 36.23 5.88
C5' GCP P . 30.46 37.14 6.97
C4' GCP P . 31.68 37.11 7.85
O4' GCP P . 32.25 35.79 8.01
C3' GCP P . 32.82 38.06 7.46
O3' GCP P . 32.96 39.19 8.32
C2' GCP P . 34.06 37.15 7.35
O2' GCP P . 35.12 37.75 8.08
C1' GCP P . 33.65 35.90 8.10
N9 GCP P . 34.30 34.65 7.61
C8 GCP P . 34.02 33.96 6.47
N7 GCP P . 34.80 32.91 6.31
C5 GCP P . 35.64 32.93 7.41
C6 GCP P . 36.72 32.07 7.79
O6 GCP P . 37.13 31.07 7.20
N1 GCP P . 37.32 32.48 8.97
C2 GCP P . 36.94 33.56 9.72
N2 GCP P . 37.63 33.81 10.82
N3 GCP P . 35.93 34.37 9.37
C4 GCP P . 35.34 34.00 8.22
MG MG Q . 27.44 37.01 -0.99
#